data_2VYA
#
_entry.id   2VYA
#
_cell.length_a   103.690
_cell.length_b   103.690
_cell.length_c   253.870
_cell.angle_alpha   90.00
_cell.angle_beta   90.00
_cell.angle_gamma   120.00
#
_symmetry.space_group_name_H-M   'P 32 2 1'
#
loop_
_entity.id
_entity.type
_entity.pdbx_description
1 polymer 'FATTY-ACID AMIDE HYDROLASE 1'
2 non-polymer 'UNKNOWN ATOM OR ION'
3 non-polymer '4-(quinolin-3-ylmethyl)piperidine-1-carboxylic acid'
4 non-polymer 'CHLORIDE ION'
5 water water
#
_entity_poly.entity_id   1
_entity_poly.type   'polypeptide(L)'
_entity_poly.pdbx_seq_one_letter_code
;MGSSHHHHHHSSASMTGGQQMGRTLYDDDDKDRWGSELETGRQKARGAATRARQKQRASLETMDKAVQRFRLQNPDLDSE
ALLTLPLLQLVQKLQSGELSPEAVFFTYLGKAWEVNKGTNCVTSYLTDCETQLSQAPRQGLLYGVPVSLKECFSYKGHDS
TLGLSLNEGMPSESDCVVVQVLKLQGAVPFVHTNVPQSMFSYDCSNPLFGQTMNPWKSSKSPGGSSGGEGALIGSGGSPL
GLGTDIGGSIRFPSAFCGICGLKPTGNRLSKSGLKGCVYGQTAVQLSLGPMARDVESLALCLKALLCEHLFTLDPTVPPL
PFREEVYRSSRPLRVGYYETDNYTMPSPAMRRALIETKQRLEAAGHTLIPFLPNNIPYALEVLSTGGLFSDGGRSFLQNF
KGDFVDPCLGDLILILRLPSWFKRLLSLLLKPLFPRLAAFLNNMRPRSAEKLWKLQHEIEMYRQSVIAQWKAMNLDVLLT
PMLGPALDLNTPGRATGAVSYTMLYNCLDFPAGVVPVTTVTAEDDAQMELYKGYFGDIWDIILKKAMKNSVGLPVAVQCV
ALPWQEELCLRFMREVEQLMTPQKQPS
;
_entity_poly.pdbx_strand_id   A,B
#
loop_
_chem_comp.id
_chem_comp.type
_chem_comp.name
_chem_comp.formula
CL non-polymer 'CHLORIDE ION' 'Cl -1'
PF7 non-polymer '4-(quinolin-3-ylmethyl)piperidine-1-carboxylic acid' 'C16 H18 N2 O2'
UNX non-polymer 'UNKNOWN ATOM OR ION' ?
#
# COMPACT_ATOMS: atom_id res chain seq x y z
N GLY A 41 32.25 20.20 -22.81
CA GLY A 41 31.83 18.77 -22.99
C GLY A 41 30.45 18.52 -22.42
N ARG A 42 29.44 19.14 -23.04
CA ARG A 42 28.06 19.11 -22.55
C ARG A 42 27.09 19.28 -23.74
N GLN A 43 27.43 18.66 -24.86
CA GLN A 43 26.87 19.03 -26.16
C GLN A 43 25.51 18.40 -26.41
N LYS A 44 25.36 17.14 -26.02
CA LYS A 44 24.05 16.49 -26.03
C LYS A 44 23.04 17.35 -25.25
N ALA A 45 23.45 17.88 -24.10
CA ALA A 45 22.56 18.70 -23.26
C ALA A 45 22.16 20.06 -23.89
N ARG A 46 23.12 20.75 -24.51
CA ARG A 46 22.83 22.01 -25.22
C ARG A 46 21.94 21.73 -26.43
N GLY A 47 22.21 20.61 -27.09
CA GLY A 47 21.33 20.11 -28.14
C GLY A 47 19.91 19.96 -27.64
N ALA A 48 19.75 19.28 -26.49
CA ALA A 48 18.44 19.11 -25.83
C ALA A 48 17.72 20.43 -25.61
N ALA A 49 18.41 21.37 -25.00
CA ALA A 49 17.85 22.68 -24.70
C ALA A 49 17.36 23.40 -25.96
N THR A 50 18.10 23.32 -27.07
CA THR A 50 17.65 23.98 -28.30
C THR A 50 16.36 23.38 -28.86
N ARG A 51 16.24 22.06 -28.82
CA ARG A 51 15.02 21.35 -29.26
C ARG A 51 13.84 21.67 -28.32
N ALA A 52 14.03 21.46 -27.03
CA ALA A 52 13.02 21.80 -26.03
C ALA A 52 12.44 23.20 -26.26
N ARG A 53 13.33 24.15 -26.47
CA ARG A 53 12.93 25.54 -26.64
C ARG A 53 12.19 25.77 -27.92
N GLN A 54 12.70 25.21 -29.03
CA GLN A 54 12.03 25.36 -30.33
C GLN A 54 10.63 24.70 -30.28
N LYS A 55 10.53 23.55 -29.60
CA LYS A 55 9.24 22.90 -29.35
C LYS A 55 8.29 23.82 -28.57
N GLN A 56 8.76 24.40 -27.46
CA GLN A 56 7.94 25.26 -26.58
C GLN A 56 7.39 26.44 -27.36
N ARG A 57 8.29 27.06 -28.09
CA ARG A 57 7.97 28.20 -28.94
C ARG A 57 6.88 27.83 -29.96
N ALA A 58 7.00 26.64 -30.55
CA ALA A 58 6.04 26.17 -31.56
C ALA A 58 4.69 25.90 -30.92
N SER A 59 4.72 25.19 -29.80
CA SER A 59 3.52 25.00 -28.99
C SER A 59 2.81 26.32 -28.75
N LEU A 60 3.53 27.29 -28.18
CA LEU A 60 2.96 28.59 -27.84
C LEU A 60 2.42 29.32 -29.07
N GLU A 61 3.06 29.12 -30.21
CA GLU A 61 2.61 29.74 -31.45
C GLU A 61 1.30 29.13 -31.93
N THR A 62 1.19 27.79 -31.85
CA THR A 62 -0.02 27.09 -32.28
C THR A 62 -1.23 27.55 -31.44
N MET A 63 -1.02 27.67 -30.14
CA MET A 63 -2.01 28.20 -29.22
C MET A 63 -2.52 29.55 -29.68
N ASP A 64 -1.59 30.46 -29.90
CA ASP A 64 -1.91 31.83 -30.29
C ASP A 64 -2.81 31.85 -31.52
N LYS A 65 -2.41 31.12 -32.55
CA LYS A 65 -3.16 31.06 -33.81
C LYS A 65 -4.54 30.44 -33.59
N ALA A 66 -4.60 29.40 -32.76
CA ALA A 66 -5.87 28.77 -32.43
C ALA A 66 -6.84 29.76 -31.80
N VAL A 67 -6.38 30.46 -30.78
CA VAL A 67 -7.23 31.41 -30.07
C VAL A 67 -7.52 32.64 -30.92
N GLN A 68 -6.55 33.04 -31.73
CA GLN A 68 -6.73 34.23 -32.55
C GLN A 68 -7.89 33.98 -33.52
N ARG A 69 -7.90 32.79 -34.11
CA ARG A 69 -8.99 32.37 -35.01
C ARG A 69 -10.34 32.28 -34.30
N PHE A 70 -10.35 31.79 -33.08
CA PHE A 70 -11.61 31.67 -32.36
C PHE A 70 -12.26 33.03 -32.14
N ARG A 71 -11.46 33.97 -31.65
CA ARG A 71 -11.92 35.32 -31.37
C ARG A 71 -12.52 35.99 -32.62
N LEU A 72 -11.83 35.86 -33.75
CA LEU A 72 -12.35 36.37 -35.04
C LEU A 72 -13.79 35.92 -35.26
N GLN A 73 -14.06 34.65 -34.99
CA GLN A 73 -15.41 34.08 -35.11
C GLN A 73 -16.39 34.46 -33.99
N ASN A 74 -15.88 34.81 -32.80
CA ASN A 74 -16.73 35.02 -31.63
C ASN A 74 -16.47 36.33 -30.90
N PRO A 75 -16.52 37.46 -31.62
CA PRO A 75 -16.13 38.75 -31.03
C PRO A 75 -17.07 39.27 -29.94
N ASP A 76 -18.26 38.68 -29.78
CA ASP A 76 -19.22 39.12 -28.76
C ASP A 76 -19.25 38.19 -27.53
N LEU A 77 -18.21 37.38 -27.38
CA LEU A 77 -18.11 36.48 -26.22
C LEU A 77 -17.71 37.29 -24.97
N ASP A 78 -18.46 37.14 -23.87
CA ASP A 78 -18.08 37.79 -22.61
C ASP A 78 -16.96 36.98 -21.94
N SER A 79 -15.73 37.32 -22.30
CA SER A 79 -14.54 36.58 -21.87
C SER A 79 -14.26 36.70 -20.37
N GLU A 80 -14.68 37.81 -19.77
CA GLU A 80 -14.44 38.06 -18.35
C GLU A 80 -15.36 37.22 -17.48
N ALA A 81 -16.64 37.20 -17.82
CA ALA A 81 -17.60 36.35 -17.12
C ALA A 81 -17.12 34.90 -17.12
N LEU A 82 -16.69 34.42 -18.28
CA LEU A 82 -16.25 33.02 -18.49
C LEU A 82 -15.07 32.62 -17.59
N LEU A 83 -13.98 33.37 -17.67
CA LEU A 83 -12.74 33.04 -16.97
C LEU A 83 -12.89 33.08 -15.45
N THR A 84 -13.70 34.01 -14.95
CA THR A 84 -13.82 34.26 -13.52
C THR A 84 -15.05 33.59 -12.90
N LEU A 85 -15.77 32.81 -13.70
CA LEU A 85 -16.78 31.90 -13.16
C LEU A 85 -16.01 30.83 -12.38
N PRO A 86 -16.44 30.52 -11.13
CA PRO A 86 -15.85 29.37 -10.42
C PRO A 86 -16.12 28.07 -11.17
N LEU A 87 -15.37 27.01 -10.86
CA LEU A 87 -15.42 25.78 -11.66
C LEU A 87 -16.78 25.07 -11.59
N LEU A 88 -17.37 25.03 -10.40
CA LEU A 88 -18.69 24.41 -10.23
C LEU A 88 -19.71 25.02 -11.17
N GLN A 89 -19.70 26.35 -11.25
CA GLN A 89 -20.62 27.10 -12.13
C GLN A 89 -20.30 26.87 -13.60
N LEU A 90 -19.01 26.97 -13.94
CA LEU A 90 -18.51 26.69 -15.30
C LEU A 90 -18.92 25.28 -15.73
N VAL A 91 -18.86 24.34 -14.78
CA VAL A 91 -19.21 22.96 -15.04
C VAL A 91 -20.71 22.80 -15.27
N GLN A 92 -21.53 23.46 -14.46
CA GLN A 92 -22.96 23.31 -14.66
C GLN A 92 -23.37 23.91 -16.03
N LYS A 93 -22.73 25.02 -16.41
CA LYS A 93 -23.06 25.75 -17.64
C LYS A 93 -22.64 25.00 -18.91
N LEU A 94 -21.60 24.18 -18.77
CA LEU A 94 -21.25 23.23 -19.79
C LEU A 94 -22.31 22.13 -19.80
N GLN A 95 -22.61 21.58 -18.63
CA GLN A 95 -23.61 20.53 -18.55
C GLN A 95 -24.95 20.99 -19.08
N SER A 96 -25.41 22.15 -18.61
CA SER A 96 -26.69 22.73 -19.01
C SER A 96 -26.73 23.12 -20.48
N GLY A 97 -25.56 23.28 -21.09
CA GLY A 97 -25.47 23.68 -22.50
C GLY A 97 -25.51 25.18 -22.69
N GLU A 98 -25.48 25.93 -21.59
CA GLU A 98 -25.46 27.39 -21.66
C GLU A 98 -24.17 27.90 -22.28
N LEU A 99 -23.08 27.19 -22.03
CA LEU A 99 -21.81 27.45 -22.70
C LEU A 99 -21.40 26.21 -23.50
N SER A 100 -20.80 26.44 -24.65
CA SER A 100 -20.24 25.36 -25.41
C SER A 100 -18.88 25.10 -24.83
N PRO A 101 -18.35 23.89 -25.06
CA PRO A 101 -16.96 23.63 -24.69
C PRO A 101 -15.99 24.63 -25.37
N GLU A 102 -16.05 24.73 -26.70
CA GLU A 102 -15.21 25.66 -27.50
C GLU A 102 -15.12 27.07 -26.88
N ALA A 103 -16.27 27.62 -26.48
CA ALA A 103 -16.30 28.87 -25.74
C ALA A 103 -15.36 28.78 -24.53
N VAL A 104 -15.64 27.86 -23.62
CA VAL A 104 -14.81 27.77 -22.42
C VAL A 104 -13.37 27.38 -22.78
N PHE A 105 -13.18 26.51 -23.76
CA PHE A 105 -11.83 26.03 -24.10
C PHE A 105 -10.95 27.13 -24.68
N PHE A 106 -11.35 27.65 -25.83
CA PHE A 106 -10.55 28.66 -26.49
C PHE A 106 -10.34 29.93 -25.65
N THR A 107 -11.30 30.26 -24.79
CA THR A 107 -11.17 31.40 -23.85
C THR A 107 -10.01 31.16 -22.89
N TYR A 108 -10.06 30.02 -22.22
CA TYR A 108 -9.01 29.63 -21.30
C TYR A 108 -7.66 29.52 -22.01
N LEU A 109 -7.66 28.88 -23.18
CA LEU A 109 -6.42 28.66 -23.92
C LEU A 109 -5.76 30.00 -24.11
N GLY A 110 -6.57 31.00 -24.43
CA GLY A 110 -6.09 32.36 -24.60
C GLY A 110 -5.45 32.86 -23.32
N LYS A 111 -6.20 32.83 -22.22
CA LYS A 111 -5.72 33.34 -20.93
C LYS A 111 -4.43 32.65 -20.50
N ALA A 112 -4.35 31.36 -20.79
CA ALA A 112 -3.14 30.58 -20.55
C ALA A 112 -1.94 31.21 -21.25
N TRP A 113 -2.04 31.34 -22.57
CA TRP A 113 -0.99 31.95 -23.38
C TRP A 113 -0.55 33.33 -22.84
N GLU A 114 -1.50 34.13 -22.35
CA GLU A 114 -1.23 35.50 -21.88
C GLU A 114 -0.48 35.53 -20.55
N VAL A 115 -0.91 34.69 -19.61
CA VAL A 115 -0.27 34.61 -18.29
C VAL A 115 1.13 34.01 -18.44
N ASN A 116 1.28 33.08 -19.38
CA ASN A 116 2.58 32.51 -19.67
C ASN A 116 3.62 33.56 -20.06
N LYS A 117 3.19 34.64 -20.70
CA LYS A 117 4.12 35.68 -21.09
C LYS A 117 4.88 36.11 -19.86
N GLY A 118 4.13 36.38 -18.79
CA GLY A 118 4.71 36.87 -17.54
C GLY A 118 5.30 35.81 -16.61
N THR A 119 4.96 34.55 -16.81
CA THR A 119 5.33 33.49 -15.86
C THR A 119 6.16 32.31 -16.41
N ASN A 120 6.10 32.04 -17.71
CA ASN A 120 6.77 30.87 -18.29
C ASN A 120 6.41 29.58 -17.58
N CYS A 121 5.13 29.25 -17.53
CA CYS A 121 4.68 28.02 -16.89
C CYS A 121 4.34 26.91 -17.89
N VAL A 122 3.98 27.27 -19.12
CA VAL A 122 3.58 26.27 -20.11
C VAL A 122 4.79 25.73 -20.87
N THR A 123 5.14 24.46 -20.69
CA THR A 123 6.24 23.87 -21.49
C THR A 123 5.76 23.44 -22.89
N SER A 124 4.52 22.94 -22.97
CA SER A 124 3.97 22.42 -24.22
C SER A 124 2.44 22.45 -24.27
N TYR A 125 1.91 22.65 -25.47
CA TYR A 125 0.49 22.65 -25.76
C TYR A 125 0.13 21.25 -26.19
N LEU A 126 -0.82 20.60 -25.51
CA LEU A 126 -1.18 19.23 -25.87
C LEU A 126 -2.14 19.30 -27.08
N THR A 127 -1.57 19.08 -28.27
CA THR A 127 -2.12 19.57 -29.53
C THR A 127 -3.32 18.81 -30.07
N ASP A 128 -3.64 17.66 -29.48
CA ASP A 128 -4.76 16.85 -29.99
C ASP A 128 -6.03 17.04 -29.15
N CYS A 129 -6.11 18.15 -28.44
CA CYS A 129 -7.20 18.37 -27.51
C CYS A 129 -8.44 18.92 -28.17
N GLU A 130 -8.33 19.36 -29.42
CA GLU A 130 -9.50 19.76 -30.18
C GLU A 130 -10.29 18.53 -30.63
N THR A 131 -9.59 17.40 -30.81
CA THR A 131 -10.26 16.11 -31.09
C THR A 131 -10.99 15.63 -29.85
N GLN A 132 -10.27 15.58 -28.72
CA GLN A 132 -10.91 15.26 -27.43
C GLN A 132 -12.04 16.24 -27.13
N LEU A 133 -11.86 17.52 -27.50
CA LEU A 133 -12.88 18.55 -27.27
C LEU A 133 -14.25 18.05 -27.75
N SER A 134 -14.34 17.75 -29.05
CA SER A 134 -15.61 17.33 -29.65
C SER A 134 -15.99 15.90 -29.30
N GLN A 135 -15.00 15.09 -28.91
CA GLN A 135 -15.23 13.71 -28.51
C GLN A 135 -15.47 13.57 -26.98
N ALA A 136 -15.56 14.70 -26.27
CA ALA A 136 -15.61 14.71 -24.79
C ALA A 136 -16.93 14.14 -24.26
N PRO A 137 -16.89 12.98 -23.57
CA PRO A 137 -18.11 12.37 -22.99
C PRO A 137 -19.04 13.35 -22.28
N ARG A 138 -20.27 13.45 -22.79
CA ARG A 138 -21.21 14.52 -22.42
C ARG A 138 -21.76 14.31 -21.04
N GLN A 139 -21.91 13.04 -20.67
CA GLN A 139 -22.38 12.69 -19.35
C GLN A 139 -21.30 12.84 -18.29
N GLY A 140 -20.04 13.04 -18.72
CA GLY A 140 -18.91 13.24 -17.81
C GLY A 140 -19.08 14.38 -16.80
N LEU A 141 -18.58 14.16 -15.59
CA LEU A 141 -18.63 15.15 -14.52
C LEU A 141 -17.63 16.31 -14.73
N LEU A 142 -16.72 16.18 -15.70
CA LEU A 142 -15.82 17.26 -16.05
C LEU A 142 -15.97 17.66 -17.51
N TYR A 143 -17.12 17.32 -18.10
CA TYR A 143 -17.43 17.64 -19.51
C TYR A 143 -17.20 19.09 -19.83
N GLY A 144 -16.19 19.35 -20.67
CA GLY A 144 -15.85 20.68 -21.12
C GLY A 144 -14.69 21.32 -20.39
N VAL A 145 -14.29 20.80 -19.24
CA VAL A 145 -13.39 21.52 -18.38
C VAL A 145 -11.95 21.38 -18.88
N PRO A 146 -11.29 22.51 -19.18
CA PRO A 146 -9.88 22.42 -19.54
C PRO A 146 -9.06 22.15 -18.30
N VAL A 147 -8.23 21.11 -18.35
CA VAL A 147 -7.33 20.79 -17.24
C VAL A 147 -5.86 20.95 -17.66
N SER A 148 -5.07 21.59 -16.81
CA SER A 148 -3.61 21.67 -17.01
C SER A 148 -2.92 20.54 -16.24
N LEU A 149 -1.81 20.06 -16.83
CA LEU A 149 -1.11 18.88 -16.33
C LEU A 149 0.36 19.20 -16.05
N LYS A 150 0.81 18.92 -14.84
CA LYS A 150 2.23 18.93 -14.58
C LYS A 150 2.91 18.06 -15.64
N GLU A 151 4.15 18.39 -15.95
CA GLU A 151 4.84 17.80 -17.09
C GLU A 151 5.13 16.31 -16.97
N CYS A 152 5.03 15.77 -15.75
CA CYS A 152 5.34 14.36 -15.48
C CYS A 152 4.15 13.41 -15.61
N PHE A 153 3.01 13.92 -16.08
CA PHE A 153 1.89 13.09 -16.46
C PHE A 153 1.98 12.73 -17.94
N SER A 154 2.30 11.48 -18.22
CA SER A 154 2.46 11.01 -19.60
C SER A 154 1.29 11.38 -20.50
N TYR A 155 1.63 11.90 -21.66
CA TYR A 155 0.65 12.25 -22.65
C TYR A 155 1.07 11.79 -24.06
N LYS A 156 0.20 11.05 -24.72
CA LYS A 156 0.49 10.50 -26.05
C LYS A 156 1.19 11.53 -26.95
N GLY A 157 2.46 11.28 -27.26
CA GLY A 157 3.22 12.04 -28.25
C GLY A 157 4.01 13.24 -27.74
N HIS A 158 4.13 13.36 -26.43
CA HIS A 158 4.86 14.47 -25.82
C HIS A 158 5.93 14.00 -24.86
N ASP A 159 7.01 14.77 -24.74
CA ASP A 159 8.02 14.49 -23.75
C ASP A 159 7.46 14.73 -22.34
N SER A 160 7.91 13.89 -21.40
CA SER A 160 7.95 14.25 -19.99
C SER A 160 9.44 14.37 -19.64
N THR A 161 10.01 15.55 -19.91
CA THR A 161 11.46 15.74 -19.77
C THR A 161 11.86 15.80 -18.32
N LEU A 162 11.01 16.43 -17.51
CA LEU A 162 11.35 16.81 -16.14
C LEU A 162 12.58 17.74 -16.13
N GLY A 163 12.81 18.45 -17.23
CA GLY A 163 14.02 19.27 -17.35
C GLY A 163 15.33 18.51 -17.59
N LEU A 164 15.30 17.19 -17.54
CA LEU A 164 16.49 16.41 -17.84
C LEU A 164 16.69 16.28 -19.34
N SER A 165 17.94 16.46 -19.77
CA SER A 165 18.28 16.29 -21.16
C SER A 165 17.88 14.90 -21.65
N LEU A 166 18.10 13.89 -20.83
CA LEU A 166 17.97 12.50 -21.29
C LEU A 166 16.51 12.04 -21.54
N ASN A 167 15.54 12.85 -21.14
CA ASN A 167 14.13 12.54 -21.38
C ASN A 167 13.57 13.34 -22.55
N GLU A 168 14.41 14.13 -23.20
CA GLU A 168 14.00 14.93 -24.36
C GLU A 168 14.13 14.08 -25.62
N GLY A 169 13.14 14.20 -26.49
CA GLY A 169 13.08 13.42 -27.75
C GLY A 169 12.71 11.97 -27.47
N MET A 170 11.74 11.80 -26.57
CA MET A 170 11.31 10.50 -26.04
C MET A 170 9.85 10.65 -25.67
N PRO A 171 9.00 10.84 -26.67
CA PRO A 171 7.57 11.10 -26.42
C PRO A 171 6.88 9.95 -25.70
N SER A 172 5.96 10.28 -24.81
CA SER A 172 5.19 9.27 -24.15
C SER A 172 4.37 8.51 -25.20
N GLU A 173 4.32 7.19 -25.05
CA GLU A 173 3.66 6.33 -26.01
C GLU A 173 2.13 6.33 -25.87
N SER A 174 1.63 6.77 -24.71
CA SER A 174 0.20 6.82 -24.45
C SER A 174 -0.05 7.65 -23.20
N ASP A 175 -1.28 8.13 -23.06
CA ASP A 175 -1.67 8.88 -21.89
C ASP A 175 -1.45 8.00 -20.66
N CYS A 176 -1.17 8.60 -19.51
CA CYS A 176 -1.13 7.86 -18.24
C CYS A 176 -2.55 7.61 -17.77
N VAL A 177 -2.70 6.83 -16.69
CA VAL A 177 -4.04 6.37 -16.28
C VAL A 177 -4.94 7.54 -15.89
N VAL A 178 -4.39 8.47 -15.14
CA VAL A 178 -5.15 9.58 -14.64
C VAL A 178 -5.67 10.43 -15.80
N VAL A 179 -4.83 10.61 -16.83
CA VAL A 179 -5.21 11.42 -17.98
C VAL A 179 -6.35 10.72 -18.71
N GLN A 180 -6.27 9.39 -18.79
CA GLN A 180 -7.31 8.57 -19.41
C GLN A 180 -8.64 8.74 -18.71
N VAL A 181 -8.66 8.82 -17.37
CA VAL A 181 -9.96 8.98 -16.70
C VAL A 181 -10.47 10.41 -16.91
N LEU A 182 -9.61 11.40 -16.65
CA LEU A 182 -9.96 12.80 -16.92
C LEU A 182 -10.66 12.90 -18.25
N LYS A 183 -9.99 12.36 -19.28
CA LYS A 183 -10.53 12.33 -20.64
C LYS A 183 -11.89 11.60 -20.72
N LEU A 184 -12.01 10.44 -20.04
CA LEU A 184 -13.27 9.65 -20.01
C LEU A 184 -14.35 10.37 -19.24
N GLN A 185 -13.93 11.27 -18.37
CA GLN A 185 -14.81 12.02 -17.50
C GLN A 185 -15.17 13.37 -18.12
N GLY A 186 -14.75 13.59 -19.37
CA GLY A 186 -15.16 14.75 -20.16
C GLY A 186 -14.13 15.87 -20.26
N ALA A 187 -13.18 15.89 -19.32
CA ALA A 187 -12.16 16.94 -19.23
C ALA A 187 -11.30 17.07 -20.50
N VAL A 188 -10.70 18.24 -20.66
CA VAL A 188 -9.81 18.50 -21.79
C VAL A 188 -8.44 19.00 -21.29
N PRO A 189 -7.50 18.04 -21.11
CA PRO A 189 -6.11 18.40 -20.82
C PRO A 189 -5.45 19.10 -22.02
N PHE A 190 -4.86 20.25 -21.77
CA PHE A 190 -4.43 21.13 -22.85
C PHE A 190 -3.01 21.71 -22.72
N VAL A 191 -2.38 21.62 -21.54
CA VAL A 191 -0.98 22.01 -21.39
C VAL A 191 -0.20 21.13 -20.41
N HIS A 192 1.10 21.02 -20.69
CA HIS A 192 2.08 20.49 -19.75
C HIS A 192 2.75 21.70 -19.15
N THR A 193 2.88 21.71 -17.82
CA THR A 193 3.35 22.89 -17.11
C THR A 193 4.70 22.62 -16.45
N ASN A 194 5.53 23.66 -16.41
CA ASN A 194 6.93 23.51 -16.01
C ASN A 194 7.17 22.93 -14.60
N VAL A 195 8.36 22.34 -14.46
CA VAL A 195 8.79 21.70 -13.23
C VAL A 195 10.26 21.98 -13.08
N PRO A 196 10.76 21.98 -11.85
CA PRO A 196 12.20 22.12 -11.66
C PRO A 196 12.96 20.91 -12.16
N GLN A 197 14.24 21.09 -12.43
CA GLN A 197 15.02 20.01 -12.99
C GLN A 197 14.99 18.81 -12.05
N SER A 198 14.42 17.71 -12.55
CA SER A 198 14.27 16.42 -11.83
C SER A 198 13.06 16.37 -10.91
N MET A 199 12.34 17.48 -10.77
CA MET A 199 11.21 17.61 -9.84
C MET A 199 11.60 17.63 -8.37
N PHE A 200 12.89 17.64 -8.06
CA PHE A 200 13.30 17.53 -6.66
C PHE A 200 13.78 18.85 -6.06
N SER A 201 12.90 19.85 -6.15
CA SER A 201 13.14 21.19 -5.65
C SER A 201 11.78 21.85 -5.51
N TYR A 202 11.59 22.71 -4.51
CA TYR A 202 10.36 23.52 -4.44
C TYR A 202 10.54 24.94 -4.98
N ASP A 203 11.46 25.11 -5.91
CA ASP A 203 11.43 26.19 -6.87
C ASP A 203 11.01 25.53 -8.21
N CYS A 204 11.21 26.22 -9.34
CA CYS A 204 10.72 25.73 -10.62
C CYS A 204 11.52 26.23 -11.84
N SER A 205 12.72 25.67 -12.02
CA SER A 205 13.60 26.02 -13.15
C SER A 205 14.31 24.79 -13.76
N ASN A 206 14.59 24.82 -15.06
CA ASN A 206 15.42 23.79 -15.67
C ASN A 206 16.12 24.29 -16.92
N PRO A 207 17.21 23.60 -17.34
CA PRO A 207 17.99 24.07 -18.48
C PRO A 207 17.28 23.94 -19.84
N LEU A 208 16.17 23.21 -19.88
CA LEU A 208 15.36 23.07 -21.10
C LEU A 208 14.40 24.25 -21.26
N PHE A 209 13.41 24.34 -20.38
CA PHE A 209 12.35 25.36 -20.51
C PHE A 209 12.59 26.59 -19.66
N GLY A 210 13.63 26.52 -18.82
CA GLY A 210 14.02 27.63 -18.00
C GLY A 210 13.15 27.75 -16.77
N GLN A 211 12.90 28.99 -16.37
CA GLN A 211 12.41 29.31 -15.05
C GLN A 211 11.01 29.92 -15.01
N THR A 212 10.17 29.37 -14.14
CA THR A 212 8.82 29.85 -13.92
C THR A 212 8.84 30.84 -12.77
N MET A 213 7.94 31.81 -12.80
CA MET A 213 7.93 32.87 -11.81
C MET A 213 6.55 33.08 -11.19
N ASN A 214 6.55 33.52 -9.94
CA ASN A 214 5.33 33.69 -9.18
C ASN A 214 4.49 34.79 -9.83
N PRO A 215 3.21 34.49 -10.14
CA PRO A 215 2.36 35.52 -10.80
C PRO A 215 2.07 36.79 -10.00
N TRP A 216 2.29 36.78 -8.69
CA TRP A 216 2.06 37.93 -7.83
C TRP A 216 3.27 38.83 -7.76
N LYS A 217 4.43 38.27 -8.08
CA LYS A 217 5.68 39.00 -8.03
C LYS A 217 6.75 38.18 -8.71
N SER A 218 7.24 38.68 -9.82
CA SER A 218 8.15 37.91 -10.67
C SER A 218 9.54 37.74 -10.05
N SER A 219 9.84 38.45 -8.96
CA SER A 219 11.06 38.18 -8.22
C SER A 219 10.96 36.90 -7.38
N LYS A 220 9.73 36.39 -7.16
CA LYS A 220 9.52 35.25 -6.27
C LYS A 220 9.33 33.89 -6.97
N SER A 221 9.46 32.83 -6.19
CA SER A 221 9.24 31.50 -6.71
C SER A 221 7.76 31.15 -6.66
N PRO A 222 7.30 30.40 -7.67
CA PRO A 222 5.95 29.89 -7.64
C PRO A 222 5.86 28.68 -6.72
N GLY A 223 7.01 28.23 -6.21
CA GLY A 223 7.08 27.00 -5.42
C GLY A 223 7.29 25.88 -6.39
N GLY A 224 7.32 24.65 -5.87
CA GLY A 224 7.55 23.49 -6.73
C GLY A 224 7.48 22.19 -5.96
N SER A 225 7.64 21.07 -6.66
CA SER A 225 7.91 21.01 -8.09
C SER A 225 6.74 21.33 -9.00
N SER A 226 5.51 21.39 -8.47
CA SER A 226 4.34 21.69 -9.31
C SER A 226 4.18 23.21 -9.54
N GLY A 227 5.29 23.88 -9.81
CA GLY A 227 5.32 25.33 -9.96
C GLY A 227 4.56 25.81 -11.16
N GLY A 228 4.71 25.11 -12.28
CA GLY A 228 3.97 25.41 -13.51
C GLY A 228 2.49 25.51 -13.22
N GLU A 229 1.96 24.45 -12.61
CA GLU A 229 0.56 24.41 -12.23
C GLU A 229 0.15 25.56 -11.32
N GLY A 230 0.98 25.84 -10.33
CA GLY A 230 0.67 26.87 -9.35
C GLY A 230 0.52 28.21 -10.02
N ALA A 231 1.47 28.53 -10.90
CA ALA A 231 1.54 29.83 -11.56
C ALA A 231 0.39 29.99 -12.51
N LEU A 232 0.04 28.91 -13.23
CA LEU A 232 -1.00 28.96 -14.24
C LEU A 232 -2.37 29.12 -13.60
N ILE A 233 -2.74 28.18 -12.76
CA ILE A 233 -3.98 28.26 -12.00
C ILE A 233 -4.03 29.58 -11.21
N GLY A 234 -2.87 29.98 -10.69
CA GLY A 234 -2.79 31.14 -9.81
C GLY A 234 -3.06 32.47 -10.49
N SER A 235 -2.79 32.54 -11.79
CA SER A 235 -3.07 33.76 -12.55
C SER A 235 -4.30 33.65 -13.44
N GLY A 236 -5.16 32.65 -13.21
CA GLY A 236 -6.43 32.50 -13.93
C GLY A 236 -6.36 31.72 -15.23
N GLY A 237 -5.20 31.16 -15.53
CA GLY A 237 -4.95 30.47 -16.81
C GLY A 237 -5.40 29.02 -16.89
N SER A 238 -6.00 28.51 -15.82
CA SER A 238 -6.54 27.15 -15.81
C SER A 238 -7.43 27.02 -14.58
N PRO A 239 -8.57 26.29 -14.70
CA PRO A 239 -9.50 26.21 -13.58
C PRO A 239 -9.31 24.93 -12.74
N LEU A 240 -8.35 24.10 -13.12
CA LEU A 240 -8.07 22.85 -12.42
C LEU A 240 -6.82 22.26 -13.04
N GLY A 241 -6.01 21.63 -12.20
CA GLY A 241 -4.85 20.89 -12.66
C GLY A 241 -4.46 19.79 -11.69
N LEU A 242 -3.35 19.15 -11.97
CA LEU A 242 -2.94 17.94 -11.30
C LEU A 242 -1.44 18.02 -11.09
N GLY A 243 -0.98 17.68 -9.89
CA GLY A 243 0.43 17.71 -9.59
C GLY A 243 0.80 16.50 -8.75
N THR A 244 2.07 16.38 -8.41
CA THR A 244 2.52 15.27 -7.59
C THR A 244 3.17 15.87 -6.35
N ASP A 245 3.25 15.04 -5.32
CA ASP A 245 3.77 15.49 -4.06
C ASP A 245 4.41 14.36 -3.25
N ILE A 246 5.73 14.39 -3.11
CA ILE A 246 6.50 13.39 -2.31
C ILE A 246 7.20 14.02 -1.08
N GLY A 247 7.32 15.34 -1.10
CA GLY A 247 7.75 16.11 0.06
C GLY A 247 7.14 17.50 0.21
N GLY A 248 5.96 17.72 -0.40
CA GLY A 248 5.28 19.05 -0.37
C GLY A 248 4.95 19.68 -1.74
N SER A 249 5.20 18.96 -2.83
CA SER A 249 5.23 19.58 -4.15
C SER A 249 3.88 19.99 -4.75
N ILE A 250 2.76 19.57 -4.14
CA ILE A 250 1.44 20.12 -4.47
C ILE A 250 1.15 21.29 -3.54
N ARG A 251 1.53 21.15 -2.28
CA ARG A 251 1.17 22.15 -1.28
C ARG A 251 2.04 23.37 -1.34
N PHE A 252 3.34 23.21 -1.57
CA PHE A 252 4.28 24.35 -1.73
C PHE A 252 3.82 25.38 -2.77
N PRO A 253 3.63 24.95 -4.05
CA PRO A 253 3.23 25.96 -5.05
C PRO A 253 1.79 26.43 -4.90
N SER A 254 0.91 25.61 -4.33
CA SER A 254 -0.44 26.03 -4.01
C SER A 254 -0.38 27.20 -3.05
N ALA A 255 0.40 27.05 -1.99
CA ALA A 255 0.50 28.08 -0.95
C ALA A 255 1.18 29.33 -1.49
N PHE A 256 2.31 29.12 -2.14
CA PHE A 256 3.08 30.21 -2.70
C PHE A 256 2.28 31.06 -3.70
N CYS A 257 1.43 30.41 -4.49
CA CYS A 257 0.69 31.10 -5.56
C CYS A 257 -0.77 31.43 -5.23
N GLY A 258 -1.18 31.22 -3.98
CA GLY A 258 -2.48 31.68 -3.50
C GLY A 258 -3.64 30.82 -3.94
N ILE A 259 -3.39 29.54 -4.23
CA ILE A 259 -4.42 28.61 -4.69
C ILE A 259 -4.53 27.40 -3.74
N CYS A 260 -5.44 26.45 -4.02
CA CYS A 260 -5.59 25.25 -3.18
C CYS A 260 -5.02 23.97 -3.79
N GLY A 261 -4.63 23.07 -2.91
CA GLY A 261 -4.13 21.78 -3.32
C GLY A 261 -4.40 20.77 -2.24
N LEU A 262 -4.61 19.52 -2.66
CA LEU A 262 -4.69 18.40 -1.75
C LEU A 262 -3.66 17.38 -2.18
N LYS A 263 -2.89 16.88 -1.21
CA LYS A 263 -2.11 15.66 -1.37
C LYS A 263 -2.85 14.54 -0.65
N PRO A 264 -3.55 13.70 -1.42
CA PRO A 264 -4.25 12.56 -0.84
C PRO A 264 -3.29 11.52 -0.35
N THR A 265 -3.76 10.52 0.40
CA THR A 265 -2.95 9.34 0.68
C THR A 265 -2.38 8.79 -0.63
N GLY A 266 -1.17 8.28 -0.59
CA GLY A 266 -0.41 7.95 -1.79
C GLY A 266 -1.10 7.03 -2.77
N ASN A 267 -1.77 6.01 -2.26
CA ASN A 267 -2.36 5.03 -3.15
C ASN A 267 -3.89 5.25 -3.31
N ARG A 268 -4.39 6.46 -3.03
CA ARG A 268 -5.79 6.79 -3.33
C ARG A 268 -5.97 6.92 -4.85
N LEU A 269 -5.03 7.56 -5.53
CA LEU A 269 -5.11 7.71 -6.98
C LEU A 269 -3.97 6.92 -7.68
N SER A 270 -4.12 6.66 -8.98
CA SER A 270 -3.18 5.84 -9.73
C SER A 270 -1.93 6.56 -10.29
N LYS A 271 -0.75 6.05 -9.93
CA LYS A 271 0.52 6.55 -10.46
C LYS A 271 1.00 5.80 -11.73
N SER A 272 0.11 5.06 -12.38
CA SER A 272 0.50 4.35 -13.59
C SER A 272 0.80 5.36 -14.68
N GLY A 273 1.92 5.19 -15.35
CA GLY A 273 2.31 6.08 -16.42
C GLY A 273 2.86 7.43 -16.02
N LEU A 274 3.15 7.67 -14.75
CA LEU A 274 3.78 8.95 -14.34
C LEU A 274 5.25 8.88 -14.51
N LYS A 275 5.86 9.93 -15.04
CA LYS A 275 7.29 9.93 -15.23
C LYS A 275 8.03 10.39 -13.95
N GLY A 276 9.04 9.63 -13.54
CA GLY A 276 9.94 10.05 -12.47
C GLY A 276 11.42 9.69 -12.69
N CYS A 277 12.27 10.05 -11.72
CA CYS A 277 13.72 9.79 -11.77
C CYS A 277 14.18 8.53 -11.09
N VAL A 278 13.46 8.13 -10.05
CA VAL A 278 13.78 6.92 -9.31
C VAL A 278 12.54 6.07 -9.36
N TYR A 279 12.74 4.78 -9.44
CA TYR A 279 11.64 3.84 -9.46
C TYR A 279 11.97 2.78 -8.45
N GLY A 280 10.97 2.34 -7.69
CA GLY A 280 11.11 1.27 -6.74
C GLY A 280 11.49 1.72 -5.35
N GLN A 281 11.24 3.00 -5.08
CA GLN A 281 11.45 3.59 -3.76
C GLN A 281 10.07 3.74 -3.15
N THR A 282 9.80 2.96 -2.11
CA THR A 282 8.46 2.83 -1.56
C THR A 282 8.29 3.25 -0.09
N ALA A 283 9.39 3.60 0.59
CA ALA A 283 9.37 4.13 1.97
C ALA A 283 8.53 5.40 2.10
N VAL A 284 8.84 6.38 1.27
CA VAL A 284 8.00 7.56 1.16
C VAL A 284 7.25 7.52 -0.18
N GLN A 285 5.91 7.43 -0.09
CA GLN A 285 5.05 7.27 -1.26
C GLN A 285 4.98 8.56 -2.01
N LEU A 286 4.93 8.48 -3.34
CA LEU A 286 4.53 9.64 -4.16
C LEU A 286 3.02 9.74 -4.12
N SER A 287 2.52 10.95 -4.04
CA SER A 287 1.11 11.14 -3.99
C SER A 287 0.75 12.16 -5.05
N LEU A 288 -0.36 11.95 -5.73
CA LEU A 288 -0.81 12.85 -6.81
C LEU A 288 -2.20 13.39 -6.50
N GLY A 289 -2.43 14.65 -6.80
CA GLY A 289 -3.67 15.28 -6.38
C GLY A 289 -4.00 16.54 -7.11
N PRO A 290 -5.20 17.07 -6.86
CA PRO A 290 -5.71 18.21 -7.58
C PRO A 290 -5.22 19.53 -7.01
N MET A 291 -5.05 20.49 -7.89
CA MET A 291 -4.78 21.87 -7.56
C MET A 291 -5.84 22.70 -8.27
N ALA A 292 -6.50 23.59 -7.53
CA ALA A 292 -7.63 24.35 -8.06
C ALA A 292 -7.70 25.67 -7.36
N ARG A 293 -8.63 26.51 -7.79
CA ARG A 293 -8.79 27.84 -7.21
C ARG A 293 -9.60 27.87 -5.89
N ASP A 294 -10.35 26.81 -5.60
CA ASP A 294 -11.18 26.74 -4.38
C ASP A 294 -11.24 25.29 -3.92
N VAL A 295 -11.77 25.04 -2.73
CA VAL A 295 -11.81 23.68 -2.17
C VAL A 295 -12.79 22.76 -2.91
N GLU A 296 -13.90 23.34 -3.35
CA GLU A 296 -14.99 22.57 -3.94
C GLU A 296 -14.57 21.95 -5.27
N SER A 297 -13.70 22.66 -5.98
CA SER A 297 -13.07 22.16 -7.19
C SER A 297 -12.19 20.96 -6.92
N LEU A 298 -11.45 20.96 -5.81
CA LEU A 298 -10.68 19.77 -5.42
C LEU A 298 -11.58 18.57 -5.17
N ALA A 299 -12.76 18.82 -4.59
CA ALA A 299 -13.70 17.76 -4.25
C ALA A 299 -14.23 17.14 -5.52
N LEU A 300 -14.71 17.97 -6.45
CA LEU A 300 -15.23 17.50 -7.72
C LEU A 300 -14.20 16.66 -8.46
N CYS A 301 -12.98 17.19 -8.54
CA CYS A 301 -11.88 16.51 -9.18
C CYS A 301 -11.65 15.12 -8.56
N LEU A 302 -11.71 15.05 -7.23
CA LEU A 302 -11.55 13.74 -6.57
C LEU A 302 -12.71 12.81 -6.91
N LYS A 303 -13.95 13.31 -6.88
CA LYS A 303 -15.11 12.45 -7.18
C LYS A 303 -15.05 11.97 -8.63
N ALA A 304 -14.69 12.87 -9.55
CA ALA A 304 -14.57 12.49 -10.95
C ALA A 304 -13.47 11.43 -11.11
N LEU A 305 -12.30 11.67 -10.52
CA LEU A 305 -11.22 10.68 -10.59
C LEU A 305 -11.59 9.39 -9.88
N LEU A 306 -12.20 9.46 -8.71
CA LEU A 306 -12.45 8.25 -7.91
C LEU A 306 -13.71 7.56 -8.44
N CYS A 307 -13.56 6.82 -9.55
CA CYS A 307 -14.69 6.16 -10.25
C CYS A 307 -14.30 4.86 -10.93
N GLU A 308 -15.28 4.14 -11.46
CA GLU A 308 -15.00 2.82 -12.05
C GLU A 308 -13.93 2.81 -13.15
N HIS A 309 -13.83 3.85 -13.97
CA HIS A 309 -12.78 3.88 -14.99
C HIS A 309 -11.37 3.82 -14.37
N LEU A 310 -11.16 4.57 -13.29
CA LEU A 310 -9.88 4.53 -12.61
C LEU A 310 -9.61 3.11 -12.09
N PHE A 311 -10.57 2.57 -11.36
CA PHE A 311 -10.35 1.32 -10.64
C PHE A 311 -10.16 0.14 -11.58
N THR A 312 -10.65 0.27 -12.81
CA THR A 312 -10.53 -0.80 -13.80
C THR A 312 -9.22 -0.75 -14.60
N LEU A 313 -8.72 0.47 -14.85
CA LEU A 313 -7.43 0.70 -15.50
C LEU A 313 -6.28 0.45 -14.54
N ASP A 314 -6.49 0.74 -13.25
CA ASP A 314 -5.48 0.45 -12.26
C ASP A 314 -6.07 -0.28 -11.04
N PRO A 315 -6.27 -1.61 -11.20
CA PRO A 315 -6.71 -2.54 -10.18
C PRO A 315 -6.01 -2.41 -8.84
N THR A 316 -4.82 -1.82 -8.84
CA THR A 316 -4.00 -1.78 -7.63
C THR A 316 -4.37 -0.59 -6.76
N VAL A 317 -5.16 0.32 -7.27
CA VAL A 317 -5.69 1.38 -6.44
C VAL A 317 -6.93 0.81 -5.77
N PRO A 318 -7.05 0.97 -4.43
CA PRO A 318 -8.22 0.40 -3.77
C PRO A 318 -9.50 1.15 -4.19
N PRO A 319 -10.55 0.40 -4.58
CA PRO A 319 -11.75 1.01 -5.14
C PRO A 319 -12.57 1.69 -4.07
N LEU A 320 -12.09 2.85 -3.65
CA LEU A 320 -12.72 3.62 -2.58
C LEU A 320 -13.42 4.77 -3.24
N PRO A 321 -14.76 4.69 -3.32
CA PRO A 321 -15.48 5.77 -3.98
C PRO A 321 -15.42 7.03 -3.13
N PHE A 322 -15.79 8.16 -3.71
CA PHE A 322 -15.78 9.42 -2.99
C PHE A 322 -16.99 9.52 -2.08
N ARG A 323 -16.78 9.39 -0.78
CA ARG A 323 -17.89 9.51 0.18
C ARG A 323 -18.31 10.96 0.32
N GLU A 324 -19.41 11.31 -0.36
CA GLU A 324 -19.91 12.68 -0.39
C GLU A 324 -20.53 13.05 0.97
N GLU A 325 -21.24 12.11 1.58
CA GLU A 325 -21.79 12.26 2.94
C GLU A 325 -20.77 12.83 3.93
N VAL A 326 -19.54 12.32 3.87
CA VAL A 326 -18.46 12.79 4.75
C VAL A 326 -17.96 14.17 4.32
N TYR A 327 -17.75 14.35 3.02
CA TYR A 327 -17.42 15.67 2.48
C TYR A 327 -18.46 16.72 2.89
N ARG A 328 -19.73 16.42 2.62
CA ARG A 328 -20.83 17.33 2.91
C ARG A 328 -21.10 17.49 4.41
N SER A 329 -20.56 16.59 5.22
CA SER A 329 -20.77 16.65 6.67
C SER A 329 -20.36 17.97 7.28
N SER A 330 -21.13 18.39 8.27
CA SER A 330 -21.01 19.72 8.86
C SER A 330 -21.14 19.74 10.39
N ARG A 331 -20.60 18.73 11.06
CA ARG A 331 -20.66 18.72 12.52
C ARG A 331 -19.39 19.34 13.12
N PRO A 332 -19.47 19.81 14.36
CA PRO A 332 -18.29 20.26 15.09
C PRO A 332 -17.15 19.25 15.06
N LEU A 333 -15.94 19.74 14.90
CA LEU A 333 -14.77 18.92 14.70
C LEU A 333 -13.87 19.05 15.93
N ARG A 334 -13.12 17.99 16.21
CA ARG A 334 -11.99 18.11 17.13
C ARG A 334 -10.74 18.34 16.28
N VAL A 335 -10.28 19.60 16.32
CA VAL A 335 -9.17 20.11 15.50
C VAL A 335 -7.92 20.30 16.35
N GLY A 336 -6.94 19.43 16.18
CA GLY A 336 -5.61 19.64 16.74
C GLY A 336 -4.94 20.81 16.04
N TYR A 337 -3.99 21.46 16.69
CA TYR A 337 -3.25 22.52 16.00
C TYR A 337 -1.86 22.75 16.61
N TYR A 338 -0.93 23.25 15.79
CA TYR A 338 0.30 23.83 16.30
C TYR A 338 0.66 25.10 15.54
N GLU A 339 1.25 26.05 16.28
CA GLU A 339 1.73 27.31 15.71
C GLU A 339 3.13 27.20 15.11
N THR A 340 3.90 26.23 15.60
CA THR A 340 5.28 26.04 15.18
C THR A 340 5.59 24.57 15.36
N ASP A 341 6.40 24.03 14.45
CA ASP A 341 6.82 22.63 14.58
C ASP A 341 8.14 22.50 15.35
N ASN A 342 8.57 23.58 16.01
CA ASN A 342 9.87 23.66 16.66
C ASN A 342 11.01 23.13 15.80
N TYR A 343 10.94 23.38 14.49
CA TYR A 343 12.00 22.96 13.60
C TYR A 343 12.26 24.10 12.63
N THR A 344 11.25 24.48 11.86
CA THR A 344 11.30 25.72 11.10
C THR A 344 10.45 26.75 11.83
N MET A 345 11.13 27.75 12.38
CA MET A 345 10.44 28.91 12.89
C MET A 345 9.47 29.43 11.83
N PRO A 346 8.18 29.62 12.19
CA PRO A 346 7.25 30.17 11.25
C PRO A 346 7.63 31.61 10.99
N SER A 347 7.22 32.15 9.84
CA SER A 347 7.28 33.58 9.64
C SER A 347 6.15 34.19 10.46
N PRO A 348 6.26 35.48 10.79
CA PRO A 348 5.16 36.13 11.49
C PRO A 348 3.86 35.96 10.71
N ALA A 349 3.94 36.12 9.41
CA ALA A 349 2.79 35.97 8.54
C ALA A 349 2.12 34.59 8.65
N MET A 350 2.94 33.53 8.77
CA MET A 350 2.43 32.16 8.96
C MET A 350 1.66 31.96 10.25
N ARG A 351 2.27 32.39 11.36
CA ARG A 351 1.67 32.24 12.68
C ARG A 351 0.41 33.09 12.85
N ARG A 352 0.37 34.25 12.21
CA ARG A 352 -0.85 35.03 12.21
C ARG A 352 -1.93 34.23 11.51
N ALA A 353 -1.58 33.72 10.33
CA ALA A 353 -2.48 32.92 9.52
C ALA A 353 -3.05 31.79 10.34
N LEU A 354 -2.18 31.14 11.13
CA LEU A 354 -2.57 29.97 11.92
C LEU A 354 -3.38 30.34 13.17
N ILE A 355 -2.95 31.33 13.94
CA ILE A 355 -3.78 31.77 15.08
C ILE A 355 -5.15 32.26 14.60
N GLU A 356 -5.18 33.18 13.64
CA GLU A 356 -6.45 33.70 13.15
C GLU A 356 -7.42 32.58 12.68
N THR A 357 -6.91 31.61 11.92
CA THR A 357 -7.72 30.42 11.52
C THR A 357 -8.25 29.69 12.74
N LYS A 358 -7.37 29.36 13.67
CA LYS A 358 -7.75 28.71 14.94
C LYS A 358 -8.89 29.44 15.64
N GLN A 359 -8.70 30.73 15.77
CA GLN A 359 -9.63 31.57 16.49
C GLN A 359 -10.99 31.60 15.79
N ARG A 360 -10.98 31.52 14.47
CA ARG A 360 -12.22 31.48 13.72
C ARG A 360 -12.91 30.14 13.89
N LEU A 361 -12.15 29.04 13.84
CA LEU A 361 -12.72 27.69 14.07
C LEU A 361 -13.38 27.57 15.46
N GLU A 362 -12.73 28.15 16.47
CA GLU A 362 -13.31 28.24 17.80
C GLU A 362 -14.59 29.06 17.78
N ALA A 363 -14.51 30.27 17.22
CA ALA A 363 -15.69 31.11 16.98
C ALA A 363 -16.85 30.24 16.45
N ALA A 364 -16.52 29.33 15.52
CA ALA A 364 -17.52 28.54 14.79
C ALA A 364 -17.99 27.31 15.52
N GLY A 365 -17.48 27.06 16.71
CA GLY A 365 -17.95 25.94 17.54
C GLY A 365 -17.16 24.64 17.45
N HIS A 366 -15.97 24.71 16.86
CA HIS A 366 -15.06 23.55 16.87
C HIS A 366 -14.13 23.66 18.06
N THR A 367 -13.71 22.50 18.56
CA THR A 367 -12.78 22.39 19.68
C THR A 367 -11.35 22.32 19.16
N LEU A 368 -10.52 23.27 19.59
CA LEU A 368 -9.14 23.38 19.15
C LEU A 368 -8.21 22.89 20.25
N ILE A 369 -7.43 21.85 19.91
CA ILE A 369 -6.60 21.11 20.86
C ILE A 369 -5.12 21.21 20.47
N PRO A 370 -4.29 21.80 21.36
CA PRO A 370 -2.85 21.74 21.14
C PRO A 370 -2.44 20.32 20.86
N PHE A 371 -1.62 20.16 19.83
CA PHE A 371 -1.17 18.86 19.40
C PHE A 371 0.09 19.00 18.58
N LEU A 372 1.08 18.17 18.85
CA LEU A 372 2.29 18.17 18.02
C LEU A 372 2.81 16.76 17.87
N PRO A 373 2.80 16.25 16.63
CA PRO A 373 3.40 14.93 16.36
C PRO A 373 4.78 14.74 17.02
N ASN A 374 4.96 13.60 17.68
CA ASN A 374 6.18 13.32 18.41
C ASN A 374 7.34 13.10 17.43
N ASN A 375 8.55 13.44 17.86
CA ASN A 375 9.77 13.12 17.12
C ASN A 375 9.77 13.59 15.65
N ILE A 376 9.45 14.87 15.45
CA ILE A 376 9.48 15.40 14.09
C ILE A 376 10.91 15.38 13.51
N PRO A 377 11.91 15.78 14.30
CA PRO A 377 13.31 15.69 13.82
C PRO A 377 13.70 14.32 13.27
N TYR A 378 13.38 13.27 14.02
CA TYR A 378 13.51 11.87 13.58
C TYR A 378 12.81 11.63 12.26
N ALA A 379 11.55 12.07 12.17
CA ALA A 379 10.69 11.89 11.00
C ALA A 379 11.33 12.49 9.75
N LEU A 380 11.87 13.70 9.88
CA LEU A 380 12.46 14.41 8.75
C LEU A 380 13.88 13.94 8.47
N GLU A 381 14.68 13.92 9.52
CA GLU A 381 16.12 13.74 9.40
C GLU A 381 16.48 12.27 9.15
N VAL A 382 15.79 11.33 9.76
CA VAL A 382 16.19 9.92 9.60
C VAL A 382 15.24 9.14 8.68
N LEU A 383 13.93 9.23 8.92
CA LEU A 383 12.94 8.45 8.17
C LEU A 383 12.83 8.95 6.71
N SER A 384 12.45 10.22 6.52
CA SER A 384 12.17 10.80 5.18
C SER A 384 13.43 10.93 4.33
N THR A 385 14.44 11.58 4.89
CA THR A 385 15.73 11.70 4.22
C THR A 385 16.26 10.31 3.87
N GLY A 386 16.20 9.38 4.83
CA GLY A 386 16.72 8.02 4.60
C GLY A 386 16.00 7.22 3.52
N GLY A 387 14.67 7.34 3.49
CA GLY A 387 13.86 6.68 2.49
C GLY A 387 14.01 7.35 1.13
N LEU A 388 14.06 8.67 1.12
CA LEU A 388 14.26 9.34 -0.16
C LEU A 388 15.63 9.02 -0.73
N PHE A 389 16.64 8.88 0.15
CA PHE A 389 18.00 8.73 -0.31
C PHE A 389 18.71 7.51 0.23
N SER A 390 17.96 6.41 0.33
CA SER A 390 18.49 5.18 0.91
C SER A 390 19.76 4.71 0.21
N ASP A 391 19.86 5.00 -1.08
CA ASP A 391 20.95 4.52 -1.92
C ASP A 391 22.03 5.58 -2.11
N GLY A 392 22.03 6.59 -1.25
CA GLY A 392 22.98 7.69 -1.36
C GLY A 392 22.71 8.69 -2.46
N GLY A 393 21.65 8.50 -3.24
CA GLY A 393 21.33 9.39 -4.36
C GLY A 393 21.90 8.91 -5.67
N ARG A 394 22.44 7.70 -5.69
CA ARG A 394 23.03 7.10 -6.90
C ARG A 394 22.05 7.03 -8.07
N SER A 395 20.84 6.53 -7.80
CA SER A 395 19.86 6.33 -8.85
C SER A 395 19.43 7.67 -9.41
N PHE A 396 19.30 8.64 -8.52
CA PHE A 396 18.86 9.99 -8.85
C PHE A 396 19.95 10.71 -9.63
N LEU A 397 21.18 10.61 -9.12
CA LEU A 397 22.36 11.23 -9.75
C LEU A 397 22.57 10.78 -11.19
N GLN A 398 22.15 9.56 -11.51
CA GLN A 398 22.23 9.03 -12.88
C GLN A 398 21.60 9.95 -13.90
N ASN A 399 20.46 10.52 -13.53
CA ASN A 399 19.68 11.40 -14.41
C ASN A 399 20.45 12.64 -14.83
N PHE A 400 21.53 12.94 -14.11
CA PHE A 400 22.25 14.18 -14.29
C PHE A 400 23.57 14.03 -15.04
N LYS A 401 24.01 12.80 -15.30
CA LYS A 401 25.24 12.58 -16.07
C LYS A 401 25.14 13.23 -17.45
N GLY A 402 26.04 14.18 -17.72
CA GLY A 402 26.09 14.88 -19.00
C GLY A 402 25.26 16.16 -19.10
N ASP A 403 24.31 16.32 -18.18
CA ASP A 403 23.37 17.44 -18.16
C ASP A 403 23.93 18.57 -17.29
N PHE A 404 23.40 19.77 -17.48
CA PHE A 404 23.66 20.88 -16.56
C PHE A 404 22.93 20.60 -15.26
N VAL A 405 23.38 21.22 -14.17
CA VAL A 405 22.61 21.19 -12.94
C VAL A 405 22.05 22.61 -12.72
N ASP A 406 20.73 22.72 -12.75
CA ASP A 406 20.06 24.00 -12.57
C ASP A 406 20.40 24.58 -11.21
N PRO A 407 20.69 25.91 -11.18
CA PRO A 407 20.89 26.69 -9.95
C PRO A 407 19.87 26.46 -8.81
N CYS A 408 18.61 26.19 -9.14
CA CYS A 408 17.59 26.07 -8.11
C CYS A 408 17.61 24.71 -7.40
N LEU A 409 18.58 23.86 -7.74
CA LEU A 409 18.81 22.63 -6.97
C LEU A 409 19.87 22.83 -5.83
N GLY A 410 20.49 24.01 -5.80
CA GLY A 410 21.51 24.29 -4.80
C GLY A 410 22.69 23.35 -4.96
N ASP A 411 23.15 22.81 -3.83
CA ASP A 411 24.30 21.91 -3.81
C ASP A 411 23.87 20.44 -3.70
N LEU A 412 22.58 20.18 -3.82
CA LEU A 412 22.00 18.87 -3.63
C LEU A 412 22.85 17.85 -4.39
N ILE A 413 23.06 18.13 -5.67
CA ILE A 413 23.84 17.25 -6.53
C ILE A 413 25.29 17.14 -6.03
N LEU A 414 25.89 18.28 -5.68
CA LEU A 414 27.26 18.26 -5.17
C LEU A 414 27.33 17.35 -3.94
N ILE A 415 26.39 17.54 -3.03
CA ILE A 415 26.40 16.84 -1.75
C ILE A 415 26.13 15.35 -1.94
N LEU A 416 25.15 15.00 -2.78
CA LEU A 416 24.90 13.58 -3.10
C LEU A 416 26.12 12.90 -3.74
N ARG A 417 26.80 13.58 -4.65
CA ARG A 417 27.98 13.00 -5.27
C ARG A 417 29.12 12.65 -4.30
N LEU A 418 29.09 13.18 -3.07
CA LEU A 418 30.20 12.99 -2.12
C LEU A 418 30.23 11.53 -1.64
N PRO A 419 31.44 10.92 -1.62
CA PRO A 419 31.54 9.53 -1.17
C PRO A 419 31.07 9.34 0.27
N SER A 420 30.69 8.11 0.60
CA SER A 420 29.97 7.84 1.85
C SER A 420 30.83 8.17 3.06
N TRP A 421 32.07 7.73 3.03
CA TRP A 421 32.99 8.01 4.14
C TRP A 421 33.08 9.51 4.42
N PHE A 422 33.12 10.32 3.36
CA PHE A 422 33.33 11.74 3.48
C PHE A 422 32.04 12.43 3.92
N LYS A 423 30.90 11.96 3.41
CA LYS A 423 29.59 12.42 3.92
C LYS A 423 29.50 12.24 5.44
N ARG A 424 29.93 11.07 5.89
CA ARG A 424 29.98 10.72 7.29
C ARG A 424 30.97 11.60 8.06
N LEU A 425 32.15 11.85 7.48
CA LEU A 425 33.18 12.63 8.16
C LEU A 425 32.75 14.09 8.30
N LEU A 426 32.39 14.69 7.19
CA LEU A 426 31.86 16.04 7.17
C LEU A 426 30.69 16.17 8.16
N SER A 427 29.87 15.13 8.22
CA SER A 427 28.72 15.09 9.13
C SER A 427 29.10 15.17 10.60
N LEU A 428 30.13 14.44 10.99
CA LEU A 428 30.66 14.48 12.38
C LEU A 428 31.28 15.84 12.75
N LEU A 429 32.06 16.42 11.83
CA LEU A 429 32.62 17.77 11.98
C LEU A 429 31.51 18.84 12.13
N LEU A 430 30.49 18.74 11.31
CA LEU A 430 29.35 19.66 11.38
C LEU A 430 28.53 19.50 12.67
N LYS A 431 28.47 18.28 13.20
CA LYS A 431 27.49 17.94 14.28
C LYS A 431 27.45 18.84 15.52
N PRO A 432 28.61 19.15 16.13
CA PRO A 432 28.56 20.06 17.27
C PRO A 432 28.09 21.48 16.92
N LEU A 433 28.60 22.09 15.86
CA LEU A 433 28.14 23.43 15.46
C LEU A 433 26.70 23.44 14.89
N PHE A 434 26.43 22.64 13.86
CA PHE A 434 25.15 22.64 13.16
C PHE A 434 24.57 21.23 13.07
N PRO A 435 23.93 20.75 14.15
CA PRO A 435 23.39 19.38 14.25
C PRO A 435 22.38 18.93 13.16
N ARG A 436 21.47 19.84 12.78
CA ARG A 436 20.46 19.61 11.72
C ARG A 436 21.10 19.22 10.37
N LEU A 437 22.11 20.00 10.01
CA LEU A 437 22.94 19.73 8.83
C LEU A 437 23.60 18.36 8.94
N ALA A 438 24.28 18.11 10.06
CA ALA A 438 24.88 16.80 10.33
C ALA A 438 23.86 15.68 10.18
N ALA A 439 22.71 15.82 10.81
CA ALA A 439 21.68 14.81 10.71
C ALA A 439 21.36 14.46 9.26
N PHE A 440 20.96 15.47 8.49
CA PHE A 440 20.55 15.26 7.09
C PHE A 440 21.68 14.57 6.31
N LEU A 441 22.85 15.21 6.29
CA LEU A 441 23.99 14.69 5.53
C LEU A 441 24.18 13.20 5.78
N ASN A 442 24.38 12.84 7.05
CA ASN A 442 24.62 11.46 7.42
C ASN A 442 23.52 10.49 7.05
N ASN A 443 22.29 10.97 6.88
CA ASN A 443 21.20 10.09 6.45
C ASN A 443 21.04 10.02 4.92
N MET A 444 21.89 10.72 4.18
CA MET A 444 21.86 10.71 2.73
C MET A 444 22.93 9.77 2.16
N ARG A 445 23.38 8.82 2.98
CA ARG A 445 24.42 7.87 2.59
C ARG A 445 23.81 6.57 2.09
N PRO A 446 24.54 5.83 1.25
CA PRO A 446 24.01 4.56 0.79
C PRO A 446 23.95 3.52 1.91
N ARG A 447 23.02 2.56 1.82
CA ARG A 447 22.79 1.52 2.82
C ARG A 447 22.69 0.16 2.18
N SER A 448 22.64 -0.85 3.04
CA SER A 448 22.38 -2.22 2.65
C SER A 448 20.88 -2.46 2.63
N ALA A 449 20.45 -3.45 1.84
CA ALA A 449 19.05 -3.88 1.81
C ALA A 449 18.58 -4.15 3.24
N GLU A 450 19.46 -4.75 4.04
CA GLU A 450 19.17 -5.04 5.46
C GLU A 450 18.78 -3.77 6.19
N LYS A 451 19.59 -2.73 6.03
CA LYS A 451 19.32 -1.44 6.69
C LYS A 451 18.07 -0.74 6.14
N LEU A 452 17.71 -0.99 4.89
CA LEU A 452 16.48 -0.44 4.32
C LEU A 452 15.26 -1.06 4.98
N TRP A 453 15.29 -2.40 5.13
CA TRP A 453 14.19 -3.08 5.79
C TRP A 453 13.94 -2.45 7.17
N LYS A 454 15.02 -2.27 7.91
CA LYS A 454 14.95 -1.71 9.24
C LYS A 454 14.29 -0.35 9.17
N LEU A 455 14.70 0.47 8.19
CA LEU A 455 14.16 1.81 8.04
C LEU A 455 12.66 1.76 7.76
N GLN A 456 12.26 0.90 6.85
CA GLN A 456 10.88 0.84 6.41
C GLN A 456 10.00 0.38 7.58
N HIS A 457 10.53 -0.54 8.40
CA HIS A 457 9.85 -0.96 9.63
C HIS A 457 9.69 0.23 10.59
N GLU A 458 10.74 1.02 10.74
CA GLU A 458 10.68 2.22 11.59
C GLU A 458 9.59 3.20 11.09
N ILE A 459 9.47 3.35 9.77
CA ILE A 459 8.45 4.22 9.17
C ILE A 459 7.03 3.67 9.49
N GLU A 460 6.86 2.34 9.39
CA GLU A 460 5.61 1.69 9.80
C GLU A 460 5.29 2.01 11.25
N MET A 461 6.30 1.91 12.10
CA MET A 461 6.11 2.14 13.53
C MET A 461 5.83 3.60 13.89
N TYR A 462 6.58 4.52 13.28
CA TYR A 462 6.35 5.95 13.48
C TYR A 462 4.91 6.35 13.10
N ARG A 463 4.38 5.70 12.08
CA ARG A 463 3.07 6.05 11.57
C ARG A 463 2.04 5.64 12.59
N GLN A 464 2.18 4.43 13.11
CA GLN A 464 1.34 3.95 14.21
C GLN A 464 1.49 4.80 15.47
N SER A 465 2.73 5.23 15.75
CA SER A 465 2.97 6.06 16.92
C SER A 465 2.10 7.28 16.87
N VAL A 466 2.11 7.97 15.74
CA VAL A 466 1.42 9.25 15.62
C VAL A 466 -0.09 9.03 15.63
N ILE A 467 -0.54 8.00 14.92
CA ILE A 467 -1.97 7.65 14.93
C ILE A 467 -2.46 7.43 16.36
N ALA A 468 -1.65 6.76 17.16
CA ALA A 468 -1.97 6.52 18.55
C ALA A 468 -2.05 7.84 19.35
N GLN A 469 -1.16 8.76 19.04
CA GLN A 469 -1.08 10.03 19.74
C GLN A 469 -2.33 10.83 19.39
N TRP A 470 -2.64 10.72 18.11
CA TRP A 470 -3.83 11.30 17.51
C TRP A 470 -5.13 10.80 18.16
N LYS A 471 -5.24 9.47 18.35
CA LYS A 471 -6.44 8.90 18.96
C LYS A 471 -6.46 9.18 20.47
N ALA A 472 -5.29 9.20 21.12
CA ALA A 472 -5.18 9.55 22.55
C ALA A 472 -5.90 10.84 22.84
N MET A 473 -5.79 11.78 21.90
CA MET A 473 -6.48 13.08 21.94
C MET A 473 -7.83 13.07 21.22
N ASN A 474 -8.15 11.94 20.57
CA ASN A 474 -9.41 11.78 19.88
C ASN A 474 -9.66 12.94 18.91
N LEU A 475 -8.64 13.27 18.11
CA LEU A 475 -8.74 14.34 17.11
C LEU A 475 -9.57 13.85 15.94
N ASP A 476 -10.23 14.78 15.24
CA ASP A 476 -10.81 14.49 13.92
C ASP A 476 -9.83 14.88 12.82
N VAL A 477 -9.12 15.98 13.04
CA VAL A 477 -8.39 16.62 11.98
C VAL A 477 -7.27 17.51 12.59
N LEU A 478 -6.32 17.94 11.76
CA LEU A 478 -5.12 18.63 12.27
C LEU A 478 -4.79 19.89 11.46
N LEU A 479 -4.80 21.03 12.14
CA LEU A 479 -4.49 22.34 11.55
C LEU A 479 -3.00 22.69 11.76
N THR A 480 -2.33 23.05 10.68
CA THR A 480 -0.86 23.21 10.66
C THR A 480 -0.41 24.49 9.94
N PRO A 481 0.73 25.05 10.35
CA PRO A 481 1.23 26.16 9.59
C PRO A 481 1.71 25.66 8.22
N MET A 482 1.67 26.53 7.20
CA MET A 482 2.21 26.17 5.88
C MET A 482 3.30 27.15 5.49
N LEU A 483 4.38 26.67 4.88
CA LEU A 483 5.45 27.59 4.48
C LEU A 483 4.86 28.71 3.63
N GLY A 484 5.29 29.93 3.90
CA GLY A 484 4.83 31.09 3.17
C GLY A 484 5.34 32.33 3.88
N PRO A 485 5.48 33.45 3.16
CA PRO A 485 5.19 33.66 1.74
C PRO A 485 6.26 33.07 0.81
N ALA A 486 6.06 33.26 -0.49
CA ALA A 486 7.01 32.79 -1.47
C ALA A 486 8.42 33.29 -1.16
N LEU A 487 9.34 32.33 -1.23
CA LEU A 487 10.79 32.58 -1.17
C LEU A 487 11.27 33.10 -2.52
N ASP A 488 12.38 33.83 -2.52
CA ASP A 488 12.90 34.40 -3.78
C ASP A 488 13.27 33.30 -4.76
N LEU A 489 13.27 33.65 -6.04
CA LEU A 489 13.78 32.76 -7.08
C LEU A 489 15.12 32.18 -6.60
N ASN A 490 15.35 30.91 -6.93
CA ASN A 490 16.61 30.23 -6.62
C ASN A 490 17.03 30.23 -5.15
N THR A 491 16.07 30.33 -4.22
CA THR A 491 16.37 30.20 -2.78
C THR A 491 15.81 28.92 -2.10
N PRO A 492 14.62 28.43 -2.53
CA PRO A 492 14.19 27.13 -1.98
C PRO A 492 15.28 26.08 -1.96
N GLY A 493 16.00 25.95 -3.07
CA GLY A 493 17.10 24.98 -3.20
C GLY A 493 18.16 25.07 -2.11
N ARG A 494 18.16 26.18 -1.38
CA ARG A 494 19.12 26.40 -0.30
C ARG A 494 18.47 26.51 1.09
N ALA A 495 17.18 26.23 1.18
CA ALA A 495 16.48 26.29 2.45
C ALA A 495 15.71 24.99 2.63
N THR A 496 16.45 23.89 2.77
CA THR A 496 15.85 22.53 2.78
C THR A 496 15.08 22.27 4.07
N GLY A 497 15.60 22.77 5.19
CA GLY A 497 14.98 22.53 6.45
C GLY A 497 13.56 23.07 6.57
N ALA A 498 13.18 24.01 5.69
CA ALA A 498 11.83 24.58 5.73
C ALA A 498 10.80 23.64 5.06
N VAL A 499 11.25 22.46 4.64
CA VAL A 499 10.38 21.39 4.16
C VAL A 499 9.68 20.64 5.33
N SER A 500 10.03 21.02 6.56
CA SER A 500 9.43 20.41 7.74
C SER A 500 7.88 20.44 7.82
N TYR A 501 7.23 21.56 7.50
CA TYR A 501 5.76 21.59 7.62
C TYR A 501 5.04 20.62 6.68
N THR A 502 5.63 20.32 5.53
CA THR A 502 4.96 19.51 4.50
C THR A 502 5.43 18.05 4.49
N MET A 503 6.75 17.85 4.53
CA MET A 503 7.35 16.52 4.42
C MET A 503 6.90 15.53 5.53
N LEU A 504 6.68 16.05 6.73
CA LEU A 504 6.13 15.23 7.79
C LEU A 504 4.98 14.34 7.29
N TYR A 505 4.06 14.89 6.51
CA TYR A 505 2.86 14.13 6.17
C TYR A 505 3.04 13.27 4.93
N ASN A 506 4.09 13.53 4.16
CA ASN A 506 4.58 12.52 3.22
C ASN A 506 5.11 11.30 4.05
N CYS A 507 6.01 11.53 5.00
CA CYS A 507 6.53 10.47 5.89
C CYS A 507 5.40 9.63 6.48
N LEU A 508 4.46 10.30 7.16
CA LEU A 508 3.29 9.64 7.73
C LEU A 508 2.24 9.14 6.74
N ASP A 509 2.32 9.55 5.47
CA ASP A 509 1.32 9.20 4.44
C ASP A 509 -0.10 9.51 4.93
N PHE A 510 -0.30 10.76 5.30
CA PHE A 510 -1.59 11.27 5.75
C PHE A 510 -2.07 12.20 4.65
N PRO A 511 -3.38 12.27 4.45
CA PRO A 511 -3.84 13.29 3.53
C PRO A 511 -3.57 14.66 4.15
N ALA A 512 -3.23 15.61 3.30
CA ALA A 512 -2.84 16.93 3.74
C ALA A 512 -3.12 17.89 2.60
N GLY A 513 -3.72 19.03 2.93
CA GLY A 513 -4.16 20.01 1.95
C GLY A 513 -3.81 21.42 2.39
N VAL A 514 -3.89 22.35 1.46
CA VAL A 514 -3.46 23.71 1.71
C VAL A 514 -4.53 24.67 1.16
N VAL A 515 -5.03 25.55 2.02
CA VAL A 515 -5.93 26.63 1.57
C VAL A 515 -5.36 28.00 1.93
N PRO A 516 -5.48 28.99 1.03
CA PRO A 516 -5.14 30.36 1.33
C PRO A 516 -6.15 31.03 2.26
N VAL A 517 -5.61 31.75 3.26
CA VAL A 517 -6.35 32.40 4.34
C VAL A 517 -6.07 33.90 4.60
N THR A 518 -4.92 34.42 4.14
CA THR A 518 -4.54 35.81 4.45
C THR A 518 -3.41 36.27 3.50
N THR A 519 -2.97 37.52 3.63
CA THR A 519 -1.80 38.00 2.86
C THR A 519 -0.91 38.85 3.75
N VAL A 520 0.37 38.85 3.41
CA VAL A 520 1.39 39.47 4.23
C VAL A 520 1.18 40.98 4.29
N THR A 521 0.99 41.48 5.52
CA THR A 521 0.86 42.92 5.78
C THR A 521 2.24 43.55 6.02
N ALA A 522 2.29 44.89 6.00
CA ALA A 522 3.53 45.61 6.31
C ALA A 522 4.08 45.19 7.67
N GLU A 523 3.18 45.01 8.62
CA GLU A 523 3.56 44.63 9.96
C GLU A 523 4.27 43.29 9.97
N ASP A 524 3.71 42.35 9.21
CA ASP A 524 4.30 41.00 9.11
C ASP A 524 5.69 41.07 8.51
N ASP A 525 5.80 41.78 7.39
CA ASP A 525 7.05 41.88 6.65
C ASP A 525 8.13 42.46 7.54
N ALA A 526 7.75 43.48 8.31
CA ALA A 526 8.64 44.15 9.24
C ALA A 526 9.15 43.18 10.31
N GLN A 527 8.24 42.39 10.86
CA GLN A 527 8.58 41.50 11.99
C GLN A 527 9.59 40.44 11.59
N MET A 528 9.56 40.09 10.30
CA MET A 528 10.53 39.18 9.67
C MET A 528 12.01 39.59 9.85
N GLU A 529 12.29 40.88 10.04
CA GLU A 529 13.68 41.30 10.15
C GLU A 529 14.26 40.93 11.52
N LEU A 530 13.38 40.54 12.45
CA LEU A 530 13.79 39.96 13.72
C LEU A 530 13.78 38.41 13.71
N TYR A 531 13.37 37.80 12.60
CA TYR A 531 13.33 36.33 12.49
C TYR A 531 14.69 35.73 12.83
N LYS A 532 14.73 34.79 13.79
CA LYS A 532 16.00 34.10 14.15
C LYS A 532 16.18 32.66 13.62
N GLY A 533 15.15 31.83 13.70
CA GLY A 533 15.29 30.41 13.39
C GLY A 533 15.74 29.63 14.60
N TYR A 534 15.37 28.37 14.69
CA TYR A 534 15.70 27.56 15.87
C TYR A 534 17.15 27.12 15.92
N PHE A 535 17.71 26.76 14.77
CA PHE A 535 19.09 26.26 14.68
C PHE A 535 20.16 27.31 14.38
N GLY A 536 19.80 28.40 13.69
CA GLY A 536 20.77 29.46 13.37
C GLY A 536 21.78 29.06 12.31
N ASP A 537 21.46 27.99 11.58
CA ASP A 537 22.36 27.40 10.59
C ASP A 537 22.06 27.95 9.20
N ILE A 538 22.94 27.69 8.23
CA ILE A 538 22.81 28.37 6.93
C ILE A 538 21.34 28.42 6.42
N TRP A 539 20.58 27.35 6.64
CA TRP A 539 19.19 27.25 6.16
C TRP A 539 18.21 28.24 6.76
N ASP A 540 18.34 28.54 8.04
CA ASP A 540 17.54 29.59 8.67
C ASP A 540 17.94 30.97 8.17
N ILE A 541 19.21 31.15 7.84
CA ILE A 541 19.71 32.48 7.52
C ILE A 541 19.25 32.85 6.14
N ILE A 542 19.25 31.88 5.23
CA ILE A 542 18.77 32.12 3.87
C ILE A 542 17.27 32.38 3.86
N LEU A 543 16.53 31.68 4.73
CA LEU A 543 15.07 31.76 4.77
C LEU A 543 14.58 33.14 5.22
N LYS A 544 15.22 33.68 6.24
CA LYS A 544 14.96 35.05 6.67
C LYS A 544 14.98 35.92 5.45
N LYS A 545 16.10 35.88 4.71
CA LYS A 545 16.30 36.68 3.49
C LYS A 545 15.32 36.34 2.37
N ALA A 546 15.07 35.06 2.11
CA ALA A 546 14.21 34.68 0.97
C ALA A 546 12.74 35.11 1.12
N MET A 547 12.29 35.34 2.36
CA MET A 547 10.91 35.81 2.64
C MET A 547 10.81 37.34 2.75
N LYS A 548 11.93 38.03 2.60
CA LYS A 548 11.99 39.48 2.58
C LYS A 548 11.22 40.07 1.40
N ASN A 549 10.66 41.27 1.59
CA ASN A 549 9.97 41.99 0.54
C ASN A 549 8.79 41.16 0.03
N SER A 550 7.91 40.80 0.97
CA SER A 550 6.78 39.92 0.67
C SER A 550 5.39 40.55 0.84
N VAL A 551 5.31 41.84 1.16
CA VAL A 551 4.01 42.46 1.44
C VAL A 551 3.04 42.22 0.28
N GLY A 552 1.87 41.66 0.59
CA GLY A 552 0.85 41.38 -0.41
C GLY A 552 0.69 39.93 -0.82
N LEU A 553 1.71 39.11 -0.61
CA LEU A 553 1.70 37.74 -1.09
C LEU A 553 0.83 36.86 -0.19
N PRO A 554 0.16 35.86 -0.78
CA PRO A 554 -0.75 34.95 -0.08
C PRO A 554 -0.03 34.01 0.85
N VAL A 555 -0.57 33.85 2.06
CA VAL A 555 -0.05 32.91 3.03
C VAL A 555 -1.16 31.95 3.45
N ALA A 556 -0.77 30.69 3.70
CA ALA A 556 -1.69 29.56 3.76
C ALA A 556 -1.73 28.94 5.14
N VAL A 557 -2.64 27.99 5.29
CA VAL A 557 -2.75 27.15 6.46
C VAL A 557 -2.81 25.69 5.88
N GLN A 558 -2.56 24.68 6.70
CA GLN A 558 -2.52 23.27 6.23
C GLN A 558 -3.54 22.39 6.96
N CYS A 559 -4.18 21.50 6.23
CA CYS A 559 -5.21 20.66 6.81
C CYS A 559 -4.89 19.20 6.59
N VAL A 560 -4.81 18.45 7.68
CA VAL A 560 -4.43 17.05 7.62
C VAL A 560 -5.57 16.21 8.19
N ALA A 561 -5.73 15.01 7.65
CA ALA A 561 -6.61 13.94 8.21
C ALA A 561 -5.86 12.61 8.33
N LEU A 562 -6.52 11.60 8.87
CA LEU A 562 -5.95 10.25 8.99
C LEU A 562 -5.92 9.58 7.62
N PRO A 563 -5.08 8.55 7.43
CA PRO A 563 -5.09 7.93 6.11
C PRO A 563 -6.48 7.57 5.56
N TRP A 564 -6.64 7.75 4.24
CA TRP A 564 -7.86 7.47 3.51
C TRP A 564 -9.00 8.40 3.89
N GLN A 565 -8.73 9.44 4.67
CA GLN A 565 -9.76 10.40 5.08
C GLN A 565 -9.71 11.71 4.24
N GLU A 566 -9.55 11.55 2.93
CA GLU A 566 -9.47 12.71 2.04
C GLU A 566 -10.72 13.59 2.16
N GLU A 567 -11.89 12.93 2.16
CA GLU A 567 -13.15 13.68 2.17
C GLU A 567 -13.40 14.44 3.50
N LEU A 568 -12.82 13.97 4.61
CA LEU A 568 -12.83 14.73 5.88
C LEU A 568 -11.83 15.89 5.80
N CYS A 569 -10.65 15.60 5.27
CA CYS A 569 -9.63 16.62 5.11
C CYS A 569 -10.22 17.75 4.26
N LEU A 570 -10.91 17.38 3.17
CA LEU A 570 -11.53 18.33 2.25
C LEU A 570 -12.74 19.05 2.89
N ARG A 571 -13.45 18.36 3.76
CA ARG A 571 -14.54 18.97 4.50
C ARG A 571 -13.97 20.10 5.38
N PHE A 572 -12.81 19.84 5.96
CA PHE A 572 -12.21 20.74 6.93
C PHE A 572 -11.60 21.98 6.24
N MET A 573 -10.89 21.74 5.12
CA MET A 573 -10.41 22.78 4.23
C MET A 573 -11.56 23.70 3.80
N ARG A 574 -12.73 23.13 3.52
CA ARG A 574 -13.88 23.96 3.09
C ARG A 574 -14.34 24.89 4.21
N GLU A 575 -14.30 24.43 5.44
CA GLU A 575 -14.68 25.25 6.59
C GLU A 575 -13.72 26.43 6.74
N VAL A 576 -12.43 26.14 6.74
CA VAL A 576 -11.37 27.16 6.81
C VAL A 576 -11.55 28.20 5.69
N GLU A 577 -11.80 27.71 4.47
CA GLU A 577 -12.09 28.58 3.33
C GLU A 577 -13.29 29.46 3.63
N GLN A 578 -14.38 28.87 4.11
CA GLN A 578 -15.61 29.62 4.38
C GLN A 578 -15.38 30.68 5.43
N LEU A 579 -14.65 30.31 6.46
CA LEU A 579 -14.35 31.22 7.56
C LEU A 579 -13.37 32.33 7.16
N MET A 580 -12.18 31.96 6.71
CA MET A 580 -11.08 32.91 6.48
C MET A 580 -11.15 33.70 5.19
N THR A 581 -11.82 33.17 4.17
CA THR A 581 -12.02 33.89 2.92
C THR A 581 -13.49 33.82 2.51
N PRO A 582 -14.34 34.55 3.25
CA PRO A 582 -15.79 34.47 2.96
C PRO A 582 -16.20 35.21 1.68
N GLN A 583 -15.40 36.21 1.25
CA GLN A 583 -15.52 36.94 -0.05
C GLN A 583 -16.19 38.33 0.08
N ARG B 42 23.49 -24.39 24.15
CA ARG B 42 22.19 -25.04 23.83
C ARG B 42 21.27 -25.28 25.07
N GLN B 43 21.68 -24.72 26.22
CA GLN B 43 20.92 -24.84 27.47
C GLN B 43 19.63 -24.03 27.39
N LYS B 44 19.79 -22.77 26.99
CA LYS B 44 18.66 -21.84 26.81
C LYS B 44 17.56 -22.48 25.96
N ALA B 45 17.95 -23.19 24.89
CA ALA B 45 17.00 -23.87 23.98
C ALA B 45 16.28 -25.08 24.64
N ARG B 46 17.00 -25.82 25.48
CA ARG B 46 16.38 -26.88 26.27
C ARG B 46 15.48 -26.35 27.39
N GLY B 47 15.90 -25.28 28.06
CA GLY B 47 15.08 -24.63 29.07
C GLY B 47 13.77 -24.11 28.50
N ALA B 48 13.87 -23.39 27.40
CA ALA B 48 12.70 -22.80 26.74
C ALA B 48 11.71 -23.90 26.31
N ALA B 49 12.25 -25.02 25.82
CA ALA B 49 11.46 -26.18 25.43
C ALA B 49 10.69 -26.72 26.63
N THR B 50 11.39 -26.87 27.77
CA THR B 50 10.75 -27.43 28.95
C THR B 50 9.65 -26.52 29.42
N ARG B 51 9.94 -25.22 29.48
CA ARG B 51 8.93 -24.24 29.83
C ARG B 51 7.77 -24.30 28.85
N ALA B 52 8.07 -24.18 27.57
CA ALA B 52 7.02 -24.21 26.56
C ALA B 52 6.11 -25.40 26.82
N ARG B 53 6.71 -26.57 27.05
CA ARG B 53 5.93 -27.79 27.17
C ARG B 53 5.02 -27.83 28.37
N GLN B 54 5.46 -27.26 29.48
CA GLN B 54 4.62 -27.26 30.70
C GLN B 54 3.52 -26.21 30.59
N LYS B 55 3.78 -25.10 29.90
CA LYS B 55 2.73 -24.13 29.62
C LYS B 55 1.61 -24.75 28.78
N GLN B 56 1.98 -25.45 27.70
CA GLN B 56 1.02 -26.15 26.82
C GLN B 56 0.22 -27.20 27.58
N ARG B 57 0.91 -27.97 28.42
CA ARG B 57 0.29 -29.03 29.20
C ARG B 57 -0.79 -28.50 30.14
N ALA B 58 -0.48 -27.38 30.83
CA ALA B 58 -1.41 -26.74 31.75
C ALA B 58 -2.65 -26.22 31.00
N SER B 59 -2.43 -25.59 29.85
CA SER B 59 -3.55 -25.12 29.05
C SER B 59 -4.54 -26.25 28.75
N LEU B 60 -4.04 -27.35 28.19
CA LEU B 60 -4.85 -28.54 27.96
C LEU B 60 -5.60 -29.00 29.26
N GLU B 61 -4.91 -28.99 30.39
CA GLU B 61 -5.55 -29.30 31.65
C GLU B 61 -6.73 -28.35 31.94
N THR B 62 -6.47 -27.05 31.85
CA THR B 62 -7.52 -26.07 32.07
C THR B 62 -8.68 -26.38 31.14
N MET B 63 -8.35 -26.62 29.88
CA MET B 63 -9.35 -26.92 28.87
C MET B 63 -10.15 -28.13 29.30
N ASP B 64 -9.44 -29.18 29.69
CA ASP B 64 -10.11 -30.41 30.09
C ASP B 64 -11.10 -30.11 31.24
N LYS B 65 -10.56 -29.57 32.34
CA LYS B 65 -11.33 -29.19 33.52
C LYS B 65 -12.60 -28.43 33.17
N ALA B 66 -12.45 -27.40 32.32
CA ALA B 66 -13.55 -26.58 31.83
C ALA B 66 -14.61 -27.40 31.15
N VAL B 67 -14.23 -28.21 30.16
CA VAL B 67 -15.25 -28.89 29.35
C VAL B 67 -15.94 -29.92 30.21
N GLN B 68 -15.21 -30.46 31.16
CA GLN B 68 -15.72 -31.54 32.01
C GLN B 68 -16.77 -31.01 33.01
N ARG B 69 -16.62 -29.74 33.44
CA ARG B 69 -17.58 -29.10 34.34
C ARG B 69 -18.84 -28.72 33.59
N PHE B 70 -18.65 -28.29 32.34
CA PHE B 70 -19.77 -27.95 31.50
C PHE B 70 -20.64 -29.17 31.20
N ARG B 71 -20.00 -30.28 30.86
CA ARG B 71 -20.73 -31.47 30.45
C ARG B 71 -21.57 -32.08 31.58
N LEU B 72 -21.08 -31.98 32.81
CA LEU B 72 -21.85 -32.41 33.97
C LEU B 72 -23.14 -31.60 34.07
N GLN B 73 -23.04 -30.29 33.84
CA GLN B 73 -24.22 -29.41 33.93
C GLN B 73 -25.17 -29.57 32.76
N ASN B 74 -24.69 -30.11 31.66
CA ASN B 74 -25.48 -30.20 30.43
C ASN B 74 -25.38 -31.59 29.81
N PRO B 75 -25.86 -32.61 30.51
CA PRO B 75 -25.63 -33.99 30.04
C PRO B 75 -26.45 -34.40 28.81
N ASP B 76 -27.44 -33.58 28.45
CA ASP B 76 -28.46 -33.92 27.46
C ASP B 76 -28.41 -33.02 26.21
N LEU B 77 -27.34 -32.22 26.11
CA LEU B 77 -27.03 -31.43 24.93
C LEU B 77 -26.47 -32.31 23.80
N ASP B 78 -26.92 -32.07 22.58
CA ASP B 78 -26.49 -32.85 21.43
C ASP B 78 -25.23 -32.23 20.82
N SER B 79 -24.06 -32.65 21.28
CA SER B 79 -22.82 -32.06 20.76
C SER B 79 -22.50 -32.51 19.34
N GLU B 80 -22.93 -33.71 18.93
CA GLU B 80 -22.76 -34.15 17.54
C GLU B 80 -23.46 -33.18 16.59
N ALA B 81 -24.69 -32.80 16.92
CA ALA B 81 -25.49 -31.84 16.13
C ALA B 81 -24.94 -30.39 16.14
N LEU B 82 -24.49 -29.95 17.32
CA LEU B 82 -23.94 -28.62 17.52
C LEU B 82 -22.68 -28.46 16.67
N LEU B 83 -21.77 -29.43 16.78
CA LEU B 83 -20.47 -29.34 16.10
C LEU B 83 -20.53 -29.46 14.57
N THR B 84 -21.56 -30.13 14.04
CA THR B 84 -21.64 -30.34 12.59
C THR B 84 -22.55 -29.33 11.88
N LEU B 85 -23.26 -28.48 12.60
CA LEU B 85 -23.94 -27.37 11.96
C LEU B 85 -22.92 -26.47 11.24
N PRO B 86 -23.27 -25.99 10.03
CA PRO B 86 -22.44 -24.98 9.39
C PRO B 86 -22.46 -23.64 10.13
N LEU B 87 -21.34 -22.92 10.04
CA LEU B 87 -21.13 -21.67 10.79
C LEU B 87 -22.30 -20.71 10.61
N LEU B 88 -22.79 -20.59 9.38
CA LEU B 88 -23.93 -19.71 9.09
C LEU B 88 -25.19 -20.08 9.92
N GLN B 89 -25.45 -21.38 10.08
CA GLN B 89 -26.60 -21.84 10.87
C GLN B 89 -26.31 -21.77 12.36
N LEU B 90 -25.06 -22.02 12.75
CA LEU B 90 -24.64 -21.88 14.14
C LEU B 90 -24.86 -20.43 14.56
N VAL B 91 -24.36 -19.52 13.72
CA VAL B 91 -24.41 -18.09 13.97
C VAL B 91 -25.86 -17.60 14.10
N GLN B 92 -26.73 -18.11 13.23
CA GLN B 92 -28.13 -17.69 13.25
C GLN B 92 -28.77 -18.21 14.52
N LYS B 93 -28.45 -19.44 14.90
CA LYS B 93 -28.99 -20.05 16.12
C LYS B 93 -28.52 -19.29 17.37
N LEU B 94 -27.26 -18.86 17.36
CA LEU B 94 -26.71 -18.02 18.42
C LEU B 94 -27.49 -16.71 18.47
N GLN B 95 -27.78 -16.14 17.30
CA GLN B 95 -28.48 -14.85 17.23
C GLN B 95 -29.97 -14.94 17.59
N SER B 96 -30.60 -16.05 17.28
CA SER B 96 -31.99 -16.28 17.67
C SER B 96 -32.08 -16.49 19.17
N GLY B 97 -31.01 -17.04 19.76
CA GLY B 97 -31.00 -17.47 21.16
C GLY B 97 -31.23 -18.97 21.31
N GLU B 98 -31.63 -19.64 20.24
CA GLU B 98 -31.84 -21.09 20.26
C GLU B 98 -30.67 -21.82 20.90
N LEU B 99 -29.47 -21.33 20.68
CA LEU B 99 -28.28 -21.89 21.30
C LEU B 99 -27.63 -20.84 22.20
N SER B 100 -27.17 -21.27 23.38
CA SER B 100 -26.40 -20.38 24.25
C SER B 100 -24.97 -20.28 23.72
N PRO B 101 -24.34 -19.11 23.88
CA PRO B 101 -22.90 -19.02 23.60
C PRO B 101 -22.03 -19.98 24.44
N GLU B 102 -22.46 -20.27 25.66
CA GLU B 102 -21.74 -21.24 26.50
C GLU B 102 -21.82 -22.63 25.88
N ALA B 103 -23.00 -23.02 25.38
CA ALA B 103 -23.18 -24.33 24.74
C ALA B 103 -22.20 -24.52 23.60
N VAL B 104 -22.12 -23.54 22.71
CA VAL B 104 -21.28 -23.70 21.53
C VAL B 104 -19.83 -23.51 21.90
N PHE B 105 -19.53 -22.61 22.83
CA PHE B 105 -18.16 -22.42 23.27
C PHE B 105 -17.51 -23.67 23.85
N PHE B 106 -18.17 -24.26 24.84
CA PHE B 106 -17.59 -25.37 25.57
C PHE B 106 -17.67 -26.67 24.80
N THR B 107 -18.69 -26.81 23.95
CA THR B 107 -18.80 -27.96 23.05
C THR B 107 -17.64 -27.97 22.05
N TYR B 108 -17.35 -26.81 21.46
CA TYR B 108 -16.21 -26.70 20.55
C TYR B 108 -14.89 -26.81 21.31
N LEU B 109 -14.87 -26.33 22.55
CA LEU B 109 -13.66 -26.38 23.36
C LEU B 109 -13.30 -27.85 23.60
N GLY B 110 -14.32 -28.65 23.93
CA GLY B 110 -14.15 -30.08 24.13
C GLY B 110 -13.66 -30.83 22.89
N LYS B 111 -14.23 -30.51 21.74
CA LYS B 111 -13.80 -31.17 20.50
C LYS B 111 -12.35 -30.80 20.21
N ALA B 112 -11.98 -29.56 20.48
CA ALA B 112 -10.61 -29.11 20.26
C ALA B 112 -9.64 -29.92 21.09
N TRP B 113 -10.04 -30.26 22.31
CA TRP B 113 -9.14 -30.99 23.21
C TRP B 113 -8.91 -32.41 22.70
N GLU B 114 -9.99 -33.04 22.26
CA GLU B 114 -9.95 -34.42 21.72
C GLU B 114 -9.11 -34.54 20.45
N VAL B 115 -9.45 -33.72 19.46
CA VAL B 115 -8.72 -33.70 18.20
C VAL B 115 -7.26 -33.30 18.41
N ASN B 116 -6.95 -32.55 19.45
CA ASN B 116 -5.57 -32.21 19.70
C ASN B 116 -4.73 -33.44 20.11
N LYS B 117 -5.36 -34.40 20.78
CA LYS B 117 -4.63 -35.59 21.20
C LYS B 117 -3.98 -36.29 20.02
N GLY B 118 -4.66 -36.33 18.88
CA GLY B 118 -4.09 -36.93 17.68
C GLY B 118 -3.26 -35.99 16.81
N THR B 119 -3.55 -34.70 16.82
CA THR B 119 -2.89 -33.77 15.89
C THR B 119 -1.74 -32.97 16.51
N ASN B 120 -1.85 -32.65 17.82
CA ASN B 120 -0.91 -31.74 18.51
C ASN B 120 -0.95 -30.37 17.86
N CYS B 121 -2.14 -29.84 17.66
CA CYS B 121 -2.29 -28.56 17.01
C CYS B 121 -2.40 -27.39 17.98
N VAL B 122 -2.80 -27.60 19.23
CA VAL B 122 -2.98 -26.47 20.15
C VAL B 122 -1.71 -26.14 20.96
N THR B 123 -1.23 -24.91 20.89
CA THR B 123 -0.08 -24.54 21.70
C THR B 123 -0.48 -23.90 23.02
N SER B 124 -1.64 -23.25 23.05
CA SER B 124 -2.09 -22.57 24.28
C SER B 124 -3.60 -22.28 24.28
N TYR B 125 -4.21 -22.42 25.46
CA TYR B 125 -5.62 -22.07 25.68
C TYR B 125 -5.62 -20.62 26.13
N LEU B 126 -6.36 -19.80 25.41
CA LEU B 126 -6.48 -18.40 25.76
C LEU B 126 -7.47 -18.36 26.96
N THR B 127 -6.87 -18.30 28.14
CA THR B 127 -7.53 -18.67 29.39
C THR B 127 -8.58 -17.66 29.86
N ASP B 128 -8.58 -16.47 29.28
CA ASP B 128 -9.45 -15.40 29.75
C ASP B 128 -10.70 -15.25 28.86
N CYS B 129 -10.98 -16.28 28.05
CA CYS B 129 -12.05 -16.17 27.04
C CYS B 129 -13.45 -16.44 27.60
N GLU B 130 -13.53 -16.92 28.84
CA GLU B 130 -14.82 -17.10 29.49
C GLU B 130 -15.38 -15.76 30.01
N THR B 131 -14.50 -14.86 30.43
CA THR B 131 -14.90 -13.47 30.72
C THR B 131 -15.49 -12.87 29.45
N GLN B 132 -14.70 -12.96 28.38
CA GLN B 132 -15.10 -12.52 27.04
C GLN B 132 -16.44 -13.17 26.64
N LEU B 133 -16.56 -14.47 26.91
CA LEU B 133 -17.79 -15.21 26.65
C LEU B 133 -19.03 -14.39 27.07
N SER B 134 -19.06 -13.94 28.32
CA SER B 134 -20.21 -13.22 28.86
C SER B 134 -20.30 -11.75 28.41
N GLN B 135 -19.22 -11.24 27.83
CA GLN B 135 -19.11 -9.84 27.41
C GLN B 135 -19.41 -9.66 25.91
N ALA B 136 -19.32 -10.73 25.11
CA ALA B 136 -19.42 -10.64 23.65
C ALA B 136 -20.68 -9.89 23.24
N PRO B 137 -20.55 -8.73 22.54
CA PRO B 137 -21.72 -7.90 22.21
C PRO B 137 -22.73 -8.64 21.35
N ARG B 138 -24.01 -8.48 21.66
CA ARG B 138 -25.07 -9.32 21.09
C ARG B 138 -25.36 -9.05 19.63
N GLN B 139 -25.26 -7.79 19.21
CA GLN B 139 -25.46 -7.43 17.81
C GLN B 139 -24.33 -7.90 16.91
N GLY B 140 -23.18 -8.24 17.50
CA GLY B 140 -22.01 -8.69 16.74
C GLY B 140 -22.31 -9.75 15.68
N LEU B 141 -21.77 -9.55 14.49
CA LEU B 141 -21.99 -10.49 13.40
C LEU B 141 -21.35 -11.88 13.64
N LEU B 142 -20.44 -11.97 14.61
CA LEU B 142 -19.85 -13.25 15.00
C LEU B 142 -20.18 -13.60 16.46
N TYR B 143 -21.30 -13.07 16.95
CA TYR B 143 -21.75 -13.30 18.32
C TYR B 143 -21.74 -14.75 18.75
N GLY B 144 -20.86 -15.07 19.69
CA GLY B 144 -20.82 -16.41 20.26
C GLY B 144 -20.03 -17.43 19.45
N VAL B 145 -19.35 -17.00 18.40
CA VAL B 145 -18.51 -17.92 17.61
C VAL B 145 -17.10 -18.10 18.24
N PRO B 146 -16.72 -19.34 18.58
CA PRO B 146 -15.33 -19.50 18.97
C PRO B 146 -14.42 -19.47 17.75
N VAL B 147 -13.29 -18.78 17.87
CA VAL B 147 -12.32 -18.69 16.78
C VAL B 147 -10.94 -19.12 17.26
N SER B 148 -10.23 -19.88 16.45
CA SER B 148 -8.85 -20.28 16.72
C SER B 148 -7.86 -19.29 16.07
N LEU B 149 -6.74 -19.03 16.72
CA LEU B 149 -5.73 -18.09 16.21
C LEU B 149 -4.38 -18.77 15.97
N LYS B 150 -3.84 -18.61 14.77
CA LYS B 150 -2.42 -18.92 14.52
C LYS B 150 -1.60 -18.24 15.65
N GLU B 151 -0.51 -18.87 16.08
CA GLU B 151 0.20 -18.41 17.28
C GLU B 151 0.66 -16.95 17.19
N CYS B 152 0.87 -16.45 15.97
CA CYS B 152 1.50 -15.14 15.76
C CYS B 152 0.58 -13.94 15.87
N PHE B 153 -0.73 -14.16 16.01
CA PHE B 153 -1.66 -13.08 16.31
C PHE B 153 -1.54 -12.73 17.80
N SER B 154 -0.99 -11.56 18.12
CA SER B 154 -0.76 -11.17 19.49
C SER B 154 -2.00 -11.36 20.33
N TYR B 155 -1.84 -11.96 21.51
CA TYR B 155 -2.94 -12.07 22.47
C TYR B 155 -2.48 -11.69 23.88
N LYS B 156 -3.03 -10.59 24.40
CA LYS B 156 -2.70 -10.12 25.74
C LYS B 156 -2.38 -11.25 26.70
N GLY B 157 -1.12 -11.32 27.11
CA GLY B 157 -0.70 -12.25 28.15
C GLY B 157 -0.14 -13.58 27.70
N HIS B 158 -0.18 -13.88 26.41
CA HIS B 158 0.32 -15.14 25.88
C HIS B 158 1.46 -14.90 24.92
N ASP B 159 2.34 -15.88 24.80
CA ASP B 159 3.51 -15.76 23.94
C ASP B 159 3.08 -15.84 22.50
N SER B 160 3.90 -15.28 21.62
CA SER B 160 3.91 -15.67 20.20
C SER B 160 5.32 -16.17 19.94
N THR B 161 5.57 -17.39 20.39
CA THR B 161 6.90 -18.02 20.29
C THR B 161 7.38 -18.20 18.83
N LEU B 162 6.43 -18.47 17.93
CA LEU B 162 6.79 -18.85 16.59
C LEU B 162 7.73 -20.06 16.59
N GLY B 163 7.79 -20.81 17.68
CA GLY B 163 8.75 -21.92 17.79
C GLY B 163 10.18 -21.52 18.16
N LEU B 164 10.44 -20.21 18.22
CA LEU B 164 11.77 -19.72 18.51
C LEU B 164 11.94 -19.55 20.02
N SER B 165 13.04 -20.08 20.54
CA SER B 165 13.33 -20.04 21.98
C SER B 165 13.39 -18.62 22.51
N LEU B 166 13.87 -17.70 21.68
CA LEU B 166 14.10 -16.30 22.09
C LEU B 166 12.79 -15.59 22.32
N ASN B 167 11.70 -16.15 21.80
CA ASN B 167 10.41 -15.55 22.00
C ASN B 167 9.65 -16.12 23.17
N GLU B 168 10.14 -17.22 23.73
CA GLU B 168 9.46 -17.90 24.85
C GLU B 168 9.58 -17.06 26.11
N GLY B 169 8.52 -17.10 26.91
CA GLY B 169 8.43 -16.31 28.11
C GLY B 169 8.49 -14.82 27.84
N MET B 170 7.92 -14.36 26.72
CA MET B 170 7.84 -12.92 26.42
C MET B 170 6.41 -12.54 26.02
N PRO B 171 5.47 -12.62 26.98
CA PRO B 171 4.08 -12.57 26.58
C PRO B 171 3.69 -11.22 25.96
N SER B 172 2.79 -11.33 25.00
CA SER B 172 2.16 -10.18 24.36
C SER B 172 1.46 -9.29 25.40
N GLU B 173 1.39 -7.99 25.13
CA GLU B 173 0.80 -7.05 26.10
C GLU B 173 -0.48 -6.39 25.66
N SER B 174 -0.87 -6.66 24.42
CA SER B 174 -2.24 -6.39 24.04
C SER B 174 -2.58 -7.19 22.82
N ASP B 175 -3.85 -7.11 22.44
CA ASP B 175 -4.38 -7.88 21.36
C ASP B 175 -4.06 -7.17 20.07
N CYS B 176 -3.74 -7.92 19.02
CA CYS B 176 -3.63 -7.32 17.69
C CYS B 176 -4.98 -6.77 17.27
N VAL B 177 -4.97 -5.81 16.35
CA VAL B 177 -6.21 -5.15 15.85
C VAL B 177 -7.27 -6.19 15.45
N VAL B 178 -6.86 -7.13 14.61
CA VAL B 178 -7.76 -8.18 14.11
C VAL B 178 -8.46 -8.93 15.26
N VAL B 179 -7.68 -9.38 16.23
CA VAL B 179 -8.27 -9.98 17.45
C VAL B 179 -9.20 -9.00 18.21
N GLN B 180 -8.85 -7.72 18.27
CA GLN B 180 -9.77 -6.75 18.87
C GLN B 180 -11.11 -6.67 18.13
N VAL B 181 -11.09 -6.66 16.80
CA VAL B 181 -12.36 -6.54 16.07
C VAL B 181 -13.19 -7.84 16.12
N LEU B 182 -12.58 -9.00 15.97
CA LEU B 182 -13.28 -10.25 16.30
C LEU B 182 -14.05 -10.16 17.66
N LYS B 183 -13.43 -9.59 18.68
CA LYS B 183 -14.07 -9.45 19.99
C LYS B 183 -15.19 -8.39 19.93
N LEU B 184 -14.91 -7.22 19.35
CA LEU B 184 -15.97 -6.21 19.19
C LEU B 184 -17.11 -6.71 18.29
N GLN B 185 -16.88 -7.82 17.60
CA GLN B 185 -17.87 -8.42 16.69
C GLN B 185 -18.54 -9.65 17.33
N GLY B 186 -18.23 -9.90 18.61
CA GLY B 186 -18.90 -10.94 19.39
C GLY B 186 -18.27 -12.32 19.40
N ALA B 187 -17.20 -12.51 18.62
CA ALA B 187 -16.46 -13.77 18.61
C ALA B 187 -15.72 -14.02 19.91
N VAL B 188 -15.26 -15.25 20.04
CA VAL B 188 -14.49 -15.69 21.20
C VAL B 188 -13.21 -16.46 20.76
N PRO B 189 -12.12 -15.73 20.50
CA PRO B 189 -10.87 -16.39 20.26
C PRO B 189 -10.47 -17.23 21.49
N PHE B 190 -10.21 -18.54 21.29
CA PHE B 190 -9.98 -19.48 22.43
C PHE B 190 -8.70 -20.30 22.49
N VAL B 191 -8.00 -20.45 21.37
CA VAL B 191 -6.70 -21.13 21.36
C VAL B 191 -5.69 -20.50 20.42
N HIS B 192 -4.41 -20.51 20.82
CA HIS B 192 -3.28 -20.38 19.87
C HIS B 192 -2.92 -21.78 19.25
N THR B 193 -2.79 -21.84 17.94
CA THR B 193 -2.44 -23.08 17.26
C THR B 193 -1.04 -23.05 16.68
N ASN B 194 -0.46 -24.24 16.54
CA ASN B 194 0.97 -24.40 16.27
C ASN B 194 1.40 -23.88 14.90
N VAL B 195 2.69 -23.55 14.82
CA VAL B 195 3.31 -23.16 13.58
C VAL B 195 4.68 -23.84 13.49
N PRO B 196 5.21 -23.95 12.26
CA PRO B 196 6.59 -24.39 12.13
C PRO B 196 7.52 -23.32 12.66
N GLN B 197 8.72 -23.74 13.06
CA GLN B 197 9.71 -22.83 13.68
C GLN B 197 9.99 -21.65 12.76
N SER B 198 9.64 -20.45 13.23
CA SER B 198 9.91 -19.17 12.54
C SER B 198 8.90 -18.86 11.44
N MET B 199 7.87 -19.69 11.35
CA MET B 199 6.84 -19.61 10.32
C MET B 199 7.31 -19.77 8.87
N PHE B 200 8.60 -19.97 8.63
CA PHE B 200 9.07 -20.04 7.26
C PHE B 200 9.19 -21.47 6.70
N SER B 201 8.14 -22.26 6.89
CA SER B 201 8.05 -23.62 6.32
C SER B 201 6.59 -23.96 6.01
N TYR B 202 6.37 -24.92 5.10
CA TYR B 202 5.02 -25.42 4.91
C TYR B 202 4.81 -26.81 5.49
N ASP B 203 5.63 -27.14 6.49
CA ASP B 203 5.40 -28.21 7.45
C ASP B 203 4.98 -27.51 8.74
N CYS B 204 4.87 -28.23 9.85
CA CYS B 204 4.41 -27.61 11.07
C CYS B 204 4.99 -28.25 12.31
N SER B 205 6.29 -28.02 12.55
CA SER B 205 7.00 -28.49 13.74
C SER B 205 7.99 -27.46 14.25
N ASN B 206 8.20 -27.48 15.57
CA ASN B 206 9.21 -26.65 16.20
C ASN B 206 9.73 -27.27 17.50
N PRO B 207 10.94 -26.91 17.93
CA PRO B 207 11.53 -27.51 19.14
C PRO B 207 10.77 -27.26 20.45
N LEU B 208 9.87 -26.27 20.45
CA LEU B 208 9.07 -25.87 21.62
C LEU B 208 7.85 -26.78 21.83
N PHE B 209 6.87 -26.65 20.95
CA PHE B 209 5.60 -27.36 21.10
C PHE B 209 5.51 -28.65 20.28
N GLY B 210 6.59 -28.99 19.56
CA GLY B 210 6.65 -30.21 18.77
C GLY B 210 6.06 -30.09 17.39
N GLN B 211 5.50 -31.21 16.92
CA GLN B 211 5.11 -31.44 15.53
C GLN B 211 3.60 -31.71 15.42
N THR B 212 2.91 -30.87 14.63
CA THR B 212 1.47 -31.02 14.37
C THR B 212 1.28 -31.98 13.21
N MET B 213 0.20 -32.75 13.24
CA MET B 213 -0.06 -33.76 12.21
C MET B 213 -1.36 -33.56 11.46
N ASN B 214 -1.38 -34.05 10.24
CA ASN B 214 -2.57 -34.01 9.41
C ASN B 214 -3.63 -34.93 10.02
N PRO B 215 -4.81 -34.39 10.31
CA PRO B 215 -5.84 -35.22 10.94
C PRO B 215 -6.39 -36.36 10.08
N TRP B 216 -6.14 -36.29 8.77
CA TRP B 216 -6.56 -37.36 7.87
C TRP B 216 -5.56 -38.50 7.90
N LYS B 217 -4.28 -38.21 8.09
CA LYS B 217 -3.25 -39.26 8.13
C LYS B 217 -1.98 -38.80 8.85
N SER B 218 -1.62 -39.53 9.89
CA SER B 218 -0.63 -39.03 10.85
C SER B 218 0.81 -39.02 10.32
N SER B 219 1.05 -39.80 9.26
CA SER B 219 2.33 -39.78 8.55
C SER B 219 2.46 -38.54 7.66
N LYS B 220 1.34 -37.87 7.39
CA LYS B 220 1.34 -36.69 6.56
C LYS B 220 1.43 -35.40 7.37
N SER B 221 2.02 -34.41 6.73
CA SER B 221 2.09 -33.06 7.23
C SER B 221 0.73 -32.38 7.14
N PRO B 222 0.39 -31.52 8.12
CA PRO B 222 -0.82 -30.69 8.01
C PRO B 222 -0.59 -29.43 7.16
N GLY B 223 0.64 -29.24 6.69
CA GLY B 223 1.02 -28.07 5.94
C GLY B 223 1.30 -26.96 6.92
N GLY B 224 1.58 -25.78 6.40
CA GLY B 224 1.92 -24.61 7.22
C GLY B 224 2.25 -23.41 6.36
N SER B 225 2.68 -22.29 6.97
CA SER B 225 2.83 -22.18 8.42
C SER B 225 1.55 -22.15 9.26
N SER B 226 0.37 -21.96 8.66
CA SER B 226 -0.87 -21.99 9.46
C SER B 226 -1.33 -23.44 9.67
N GLY B 227 -0.40 -24.34 9.94
CA GLY B 227 -0.68 -25.78 10.06
C GLY B 227 -1.60 -26.15 11.19
N GLY B 228 -1.31 -25.66 12.40
CA GLY B 228 -2.18 -25.84 13.54
C GLY B 228 -3.64 -25.61 13.18
N GLU B 229 -3.93 -24.46 12.59
CA GLU B 229 -5.29 -24.14 12.15
C GLU B 229 -5.85 -25.12 11.11
N GLY B 230 -5.00 -25.61 10.21
CA GLY B 230 -5.39 -26.62 9.24
C GLY B 230 -5.84 -27.87 9.96
N ALA B 231 -5.01 -28.38 10.86
CA ALA B 231 -5.36 -29.57 11.66
C ALA B 231 -6.59 -29.34 12.52
N LEU B 232 -6.70 -28.19 13.16
CA LEU B 232 -7.77 -28.01 14.12
C LEU B 232 -9.11 -27.90 13.40
N ILE B 233 -9.16 -27.00 12.43
CA ILE B 233 -10.38 -26.74 11.68
C ILE B 233 -10.81 -28.00 10.92
N GLY B 234 -9.83 -28.66 10.32
CA GLY B 234 -10.03 -29.81 9.45
C GLY B 234 -10.53 -31.05 10.15
N SER B 235 -10.42 -31.08 11.48
CA SER B 235 -10.92 -32.21 12.25
C SER B 235 -12.16 -31.84 13.09
N GLY B 236 -12.70 -30.65 12.86
CA GLY B 236 -13.94 -30.26 13.51
C GLY B 236 -13.83 -29.47 14.80
N GLY B 237 -12.60 -29.05 15.15
CA GLY B 237 -12.31 -28.38 16.43
C GLY B 237 -12.36 -26.85 16.43
N SER B 238 -12.61 -26.25 15.27
CA SER B 238 -12.97 -24.84 15.19
C SER B 238 -13.75 -24.59 13.93
N PRO B 239 -14.83 -23.81 14.02
CA PRO B 239 -15.63 -23.50 12.86
C PRO B 239 -15.00 -22.37 12.02
N LEU B 240 -14.01 -21.69 12.59
CA LEU B 240 -13.36 -20.54 11.94
C LEU B 240 -12.03 -20.20 12.66
N GLY B 241 -11.01 -19.92 11.85
CA GLY B 241 -9.69 -19.58 12.34
C GLY B 241 -9.02 -18.52 11.48
N LEU B 242 -7.96 -17.94 12.01
CA LEU B 242 -7.22 -16.90 11.32
C LEU B 242 -5.78 -17.36 11.13
N GLY B 243 -5.26 -17.13 9.94
CA GLY B 243 -3.88 -17.47 9.57
C GLY B 243 -3.25 -16.36 8.75
N THR B 244 -2.00 -16.55 8.37
CA THR B 244 -1.28 -15.58 7.57
C THR B 244 -0.58 -16.27 6.41
N ASP B 245 -0.27 -15.50 5.37
CA ASP B 245 0.20 -16.03 4.11
C ASP B 245 1.16 -15.07 3.41
N ILE B 246 2.41 -15.48 3.27
CA ILE B 246 3.41 -14.68 2.55
C ILE B 246 3.95 -15.40 1.29
N GLY B 247 3.79 -16.73 1.26
CA GLY B 247 4.15 -17.55 0.09
C GLY B 247 3.31 -18.81 -0.02
N GLY B 248 2.10 -18.79 0.57
CA GLY B 248 1.18 -19.95 0.58
C GLY B 248 0.62 -20.41 1.94
N SER B 249 0.98 -19.74 3.03
CA SER B 249 0.74 -20.24 4.39
C SER B 249 -0.71 -20.23 4.94
N ILE B 250 -1.64 -19.59 4.24
CA ILE B 250 -3.04 -19.85 4.46
C ILE B 250 -3.43 -21.06 3.55
N ARG B 251 -2.89 -21.05 2.34
CA ARG B 251 -3.37 -21.95 1.29
C ARG B 251 -2.88 -23.39 1.44
N PHE B 252 -1.62 -23.59 1.79
CA PHE B 252 -1.10 -24.93 1.99
C PHE B 252 -1.93 -25.76 2.99
N PRO B 253 -2.07 -25.27 4.24
CA PRO B 253 -2.73 -26.13 5.23
C PRO B 253 -4.21 -26.34 4.96
N SER B 254 -4.82 -25.39 4.28
CA SER B 254 -6.23 -25.48 3.94
C SER B 254 -6.42 -26.62 2.94
N ALA B 255 -5.52 -26.64 1.95
CA ALA B 255 -5.52 -27.67 0.93
C ALA B 255 -5.18 -29.02 1.56
N PHE B 256 -4.09 -29.08 2.31
CA PHE B 256 -3.64 -30.37 2.86
C PHE B 256 -4.67 -30.97 3.84
N CYS B 257 -5.39 -30.10 4.55
CA CYS B 257 -6.31 -30.58 5.59
C CYS B 257 -7.76 -30.58 5.14
N GLY B 258 -8.04 -30.16 3.92
CA GLY B 258 -9.38 -30.34 3.37
C GLY B 258 -10.39 -29.31 3.77
N ILE B 259 -9.92 -28.08 4.04
CA ILE B 259 -10.78 -26.94 4.39
C ILE B 259 -10.59 -25.76 3.42
N CYS B 260 -11.26 -24.65 3.69
CA CYS B 260 -11.18 -23.45 2.86
C CYS B 260 -10.35 -22.40 3.51
N GLY B 261 -9.66 -21.61 2.68
CA GLY B 261 -8.92 -20.46 3.16
C GLY B 261 -8.88 -19.42 2.08
N LEU B 262 -8.63 -18.17 2.49
CA LEU B 262 -8.43 -17.04 1.60
C LEU B 262 -7.23 -16.23 2.08
N LYS B 263 -6.35 -15.91 1.14
CA LYS B 263 -5.29 -14.93 1.33
C LYS B 263 -5.77 -13.71 0.59
N PRO B 264 -6.21 -12.67 1.31
CA PRO B 264 -6.64 -11.49 0.59
C PRO B 264 -5.46 -10.67 0.02
N THR B 265 -5.81 -9.61 -0.70
CA THR B 265 -4.86 -8.54 -1.00
C THR B 265 -4.26 -8.17 0.35
N GLY B 266 -2.94 -8.09 0.34
CA GLY B 266 -2.13 -7.86 1.52
C GLY B 266 -2.60 -6.79 2.48
N ASN B 267 -3.18 -5.72 1.96
CA ASN B 267 -3.56 -4.64 2.83
C ASN B 267 -5.08 -4.48 2.99
N ARG B 268 -5.82 -5.54 2.74
CA ARG B 268 -7.29 -5.52 2.95
C ARG B 268 -7.63 -5.57 4.42
N LEU B 269 -6.85 -6.34 5.18
CA LEU B 269 -6.96 -6.48 6.64
C LEU B 269 -5.70 -5.91 7.32
N SER B 270 -5.75 -5.78 8.66
CA SER B 270 -4.71 -5.11 9.44
C SER B 270 -3.73 -6.09 10.05
N LYS B 271 -2.44 -5.83 9.84
CA LYS B 271 -1.37 -6.67 10.35
C LYS B 271 -0.74 -5.99 11.58
N SER B 272 -1.41 -4.98 12.09
CA SER B 272 -0.99 -4.29 13.30
C SER B 272 -1.12 -5.29 14.45
N GLY B 273 0.02 -5.66 15.03
CA GLY B 273 0.06 -6.59 16.17
C GLY B 273 0.50 -8.02 15.86
N LEU B 274 0.93 -8.30 14.62
CA LEU B 274 1.36 -9.65 14.26
C LEU B 274 2.83 -9.85 14.61
N LYS B 275 3.15 -11.03 15.11
CA LYS B 275 4.51 -11.38 15.45
C LYS B 275 5.17 -11.92 14.17
N GLY B 276 6.43 -11.54 13.95
CA GLY B 276 7.16 -11.98 12.78
C GLY B 276 8.63 -12.09 13.05
N CYS B 277 9.37 -12.63 12.07
CA CYS B 277 10.81 -12.74 12.13
C CYS B 277 11.54 -11.61 11.47
N VAL B 278 10.93 -11.04 10.45
CA VAL B 278 11.55 -9.95 9.75
C VAL B 278 10.47 -8.92 9.66
N TYR B 279 10.85 -7.66 9.77
CA TYR B 279 9.92 -6.58 9.61
C TYR B 279 10.46 -5.57 8.60
N GLY B 280 9.55 -4.96 7.83
CA GLY B 280 9.93 -3.93 6.88
C GLY B 280 10.47 -4.47 5.58
N GLN B 281 10.25 -5.76 5.35
CA GLN B 281 10.32 -6.35 4.02
C GLN B 281 8.95 -6.08 3.44
N THR B 282 8.88 -5.38 2.32
CA THR B 282 7.59 -5.02 1.72
C THR B 282 7.46 -5.34 0.24
N ALA B 283 8.47 -5.96 -0.35
CA ALA B 283 8.45 -6.31 -1.77
C ALA B 283 7.42 -7.41 -2.03
N VAL B 284 7.44 -8.43 -1.16
CA VAL B 284 6.42 -9.48 -1.12
C VAL B 284 5.67 -9.29 0.20
N GLN B 285 4.37 -9.02 0.11
CA GLN B 285 3.53 -8.62 1.26
C GLN B 285 3.03 -9.79 2.07
N LEU B 286 3.02 -9.64 3.39
CA LEU B 286 2.31 -10.56 4.28
C LEU B 286 0.83 -10.25 4.11
N SER B 287 0.01 -11.29 4.13
CA SER B 287 -1.42 -11.13 4.09
C SER B 287 -1.97 -12.03 5.16
N LEU B 288 -2.99 -11.57 5.88
CA LEU B 288 -3.65 -12.40 6.87
C LEU B 288 -5.06 -12.68 6.40
N GLY B 289 -5.62 -13.79 6.84
CA GLY B 289 -6.93 -14.16 6.35
C GLY B 289 -7.56 -15.39 6.97
N PRO B 290 -8.86 -15.60 6.65
CA PRO B 290 -9.67 -16.62 7.30
C PRO B 290 -9.49 -18.03 6.73
N MET B 291 -9.73 -19.01 7.60
CA MET B 291 -9.76 -20.44 7.28
C MET B 291 -11.02 -21.00 7.90
N ALA B 292 -11.63 -21.98 7.25
CA ALA B 292 -12.94 -22.45 7.66
C ALA B 292 -13.35 -23.70 6.88
N ARG B 293 -14.50 -24.24 7.22
CA ARG B 293 -14.94 -25.46 6.57
C ARG B 293 -15.65 -25.29 5.22
N ASP B 294 -16.14 -24.08 4.95
CA ASP B 294 -16.82 -23.76 3.70
C ASP B 294 -16.55 -22.30 3.33
N VAL B 295 -16.99 -21.90 2.13
CA VAL B 295 -16.63 -20.58 1.58
C VAL B 295 -17.42 -19.48 2.29
N GLU B 296 -18.69 -19.75 2.58
CA GLU B 296 -19.58 -18.82 3.26
C GLU B 296 -19.04 -18.36 4.62
N SER B 297 -18.32 -19.27 5.28
CA SER B 297 -17.65 -18.95 6.53
C SER B 297 -16.60 -17.88 6.27
N LEU B 298 -15.81 -18.08 5.23
CA LEU B 298 -14.79 -17.12 4.87
C LEU B 298 -15.45 -15.76 4.58
N ALA B 299 -16.55 -15.79 3.80
CA ALA B 299 -17.25 -14.56 3.42
C ALA B 299 -17.79 -13.81 4.64
N LEU B 300 -18.43 -14.54 5.54
CA LEU B 300 -18.97 -13.93 6.75
C LEU B 300 -17.86 -13.30 7.59
N CYS B 301 -16.82 -14.08 7.85
CA CYS B 301 -15.69 -13.60 8.60
C CYS B 301 -15.19 -12.27 8.02
N LEU B 302 -14.95 -12.25 6.71
CA LEU B 302 -14.51 -11.02 6.05
C LEU B 302 -15.52 -9.89 6.23
N LYS B 303 -16.82 -10.19 6.13
CA LYS B 303 -17.84 -9.15 6.32
C LYS B 303 -17.74 -8.59 7.73
N ALA B 304 -17.41 -9.47 8.70
CA ALA B 304 -17.22 -9.11 10.10
C ALA B 304 -15.99 -8.24 10.36
N LEU B 305 -14.87 -8.57 9.74
CA LEU B 305 -13.66 -7.80 9.93
C LEU B 305 -13.74 -6.44 9.20
N LEU B 306 -14.16 -6.42 7.94
CA LEU B 306 -14.22 -5.16 7.17
C LEU B 306 -15.39 -4.33 7.64
N CYS B 307 -15.18 -3.62 8.76
CA CYS B 307 -16.21 -2.78 9.39
C CYS B 307 -15.54 -1.61 10.10
N GLU B 308 -16.32 -0.74 10.71
CA GLU B 308 -15.78 0.50 11.22
C GLU B 308 -14.78 0.31 12.33
N HIS B 309 -14.91 -0.78 13.07
CA HIS B 309 -13.99 -1.03 14.16
C HIS B 309 -12.57 -1.25 13.63
N LEU B 310 -12.46 -1.93 12.50
CA LEU B 310 -11.14 -2.20 11.92
C LEU B 310 -10.54 -0.92 11.42
N PHE B 311 -11.35 -0.19 10.64
CA PHE B 311 -10.89 1.03 9.97
C PHE B 311 -10.51 2.15 10.93
N THR B 312 -11.15 2.17 12.10
CA THR B 312 -10.85 3.13 13.16
C THR B 312 -9.60 2.74 13.96
N LEU B 313 -9.39 1.43 14.15
CA LEU B 313 -8.27 0.93 14.93
C LEU B 313 -7.00 0.94 14.11
N ASP B 314 -7.10 0.68 12.81
CA ASP B 314 -5.96 0.78 11.91
C ASP B 314 -6.33 1.61 10.67
N PRO B 315 -6.31 2.94 10.81
CA PRO B 315 -6.51 3.87 9.72
C PRO B 315 -5.67 3.58 8.47
N THR B 316 -4.58 2.84 8.59
CA THR B 316 -3.70 2.56 7.44
C THR B 316 -4.31 1.56 6.44
N VAL B 317 -5.39 0.87 6.87
CA VAL B 317 -6.12 -0.08 6.03
C VAL B 317 -7.19 0.68 5.24
N PRO B 318 -7.26 0.50 3.92
CA PRO B 318 -8.27 1.29 3.21
C PRO B 318 -9.68 0.87 3.63
N PRO B 319 -10.54 1.81 3.99
CA PRO B 319 -11.86 1.41 4.48
C PRO B 319 -12.83 0.94 3.38
N LEU B 320 -12.52 -0.19 2.74
CA LEU B 320 -13.42 -0.81 1.76
C LEU B 320 -14.32 -1.78 2.46
N PRO B 321 -15.63 -1.50 2.50
CA PRO B 321 -16.54 -2.50 3.09
C PRO B 321 -16.72 -3.74 2.20
N PHE B 322 -17.23 -4.81 2.80
CA PHE B 322 -17.56 -6.03 2.06
C PHE B 322 -18.69 -5.75 1.06
N ARG B 323 -18.42 -5.79 -0.23
CA ARG B 323 -19.47 -5.58 -1.23
C ARG B 323 -20.28 -6.87 -1.38
N GLU B 324 -21.33 -6.96 -0.57
CA GLU B 324 -22.19 -8.14 -0.49
C GLU B 324 -22.81 -8.50 -1.86
N GLU B 325 -23.06 -7.48 -2.69
CA GLU B 325 -23.65 -7.69 -4.01
C GLU B 325 -22.71 -8.38 -5.00
N VAL B 326 -21.42 -8.10 -4.90
CA VAL B 326 -20.42 -8.75 -5.75
C VAL B 326 -20.29 -10.22 -5.36
N TYR B 327 -20.24 -10.51 -4.06
CA TYR B 327 -20.19 -11.90 -3.57
C TYR B 327 -21.45 -12.74 -3.89
N ARG B 328 -22.63 -12.15 -3.74
CA ARG B 328 -23.89 -12.85 -3.95
C ARG B 328 -24.23 -13.01 -5.42
N SER B 329 -23.67 -12.15 -6.27
CA SER B 329 -23.93 -12.21 -7.72
C SER B 329 -23.76 -13.59 -8.30
N SER B 330 -24.57 -13.86 -9.32
CA SER B 330 -24.53 -15.13 -10.03
C SER B 330 -24.42 -14.94 -11.56
N ARG B 331 -23.84 -13.81 -12.01
CA ARG B 331 -23.57 -13.60 -13.43
C ARG B 331 -22.48 -14.56 -13.88
N PRO B 332 -22.59 -15.14 -15.09
CA PRO B 332 -21.54 -15.98 -15.67
C PRO B 332 -20.16 -15.31 -15.66
N LEU B 333 -19.11 -16.10 -15.43
CA LEU B 333 -17.76 -15.58 -15.20
C LEU B 333 -16.85 -15.97 -16.34
N ARG B 334 -15.91 -15.10 -16.65
CA ARG B 334 -14.89 -15.44 -17.61
C ARG B 334 -13.68 -15.93 -16.82
N VAL B 335 -13.50 -17.25 -16.85
CA VAL B 335 -12.57 -17.93 -15.96
C VAL B 335 -11.32 -18.24 -16.74
N GLY B 336 -10.24 -17.54 -16.40
CA GLY B 336 -8.90 -17.92 -16.83
C GLY B 336 -8.50 -19.22 -16.15
N TYR B 337 -7.71 -20.06 -16.82
CA TYR B 337 -7.28 -21.30 -16.18
C TYR B 337 -5.94 -21.83 -16.67
N TYR B 338 -5.25 -22.56 -15.79
CA TYR B 338 -4.14 -23.40 -16.21
C TYR B 338 -4.08 -24.69 -15.40
N GLU B 339 -3.48 -25.70 -16.01
CA GLU B 339 -3.42 -27.08 -15.52
C GLU B 339 -2.06 -27.33 -14.90
N THR B 340 -1.10 -26.45 -15.20
CA THR B 340 0.27 -26.57 -14.72
C THR B 340 0.97 -25.22 -14.88
N ASP B 341 1.82 -24.87 -13.94
CA ASP B 341 2.60 -23.65 -14.10
C ASP B 341 3.92 -23.93 -14.83
N ASN B 342 4.01 -25.06 -15.50
CA ASN B 342 5.25 -25.50 -16.14
C ASN B 342 6.49 -25.31 -15.28
N TYR B 343 6.35 -25.44 -13.96
CA TYR B 343 7.47 -25.24 -13.05
C TYR B 343 7.49 -26.37 -12.03
N THR B 344 6.41 -26.49 -11.26
CA THR B 344 6.13 -27.67 -10.42
C THR B 344 5.16 -28.60 -11.14
N MET B 345 5.65 -29.72 -11.66
CA MET B 345 4.75 -30.75 -12.23
C MET B 345 3.68 -31.09 -11.19
N PRO B 346 2.40 -31.05 -11.60
CA PRO B 346 1.35 -31.34 -10.66
C PRO B 346 1.16 -32.84 -10.42
N SER B 347 0.57 -33.16 -9.27
CA SER B 347 0.24 -34.54 -8.96
C SER B 347 -0.95 -34.97 -9.81
N PRO B 348 -1.02 -36.26 -10.15
CA PRO B 348 -2.27 -36.66 -10.77
C PRO B 348 -3.50 -36.11 -10.04
N ALA B 349 -3.60 -36.23 -8.72
CA ALA B 349 -4.77 -35.67 -8.02
C ALA B 349 -5.00 -34.17 -8.30
N MET B 350 -3.93 -33.37 -8.32
CA MET B 350 -4.02 -31.94 -8.66
C MET B 350 -4.61 -31.71 -10.03
N ARG B 351 -4.08 -32.42 -11.03
CA ARG B 351 -4.59 -32.37 -12.43
C ARG B 351 -6.07 -32.70 -12.62
N ARG B 352 -6.51 -33.80 -12.01
CA ARG B 352 -7.88 -34.27 -12.16
C ARG B 352 -8.78 -33.25 -11.50
N ALA B 353 -8.36 -32.80 -10.32
CA ALA B 353 -9.11 -31.84 -9.55
C ALA B 353 -9.42 -30.64 -10.44
N LEU B 354 -8.35 -30.11 -11.04
CA LEU B 354 -8.41 -28.92 -11.89
C LEU B 354 -9.28 -29.11 -13.14
N ILE B 355 -9.13 -30.25 -13.84
CA ILE B 355 -9.88 -30.50 -15.06
C ILE B 355 -11.35 -30.82 -14.73
N GLU B 356 -11.59 -31.62 -13.71
CA GLU B 356 -12.98 -31.84 -13.29
C GLU B 356 -13.68 -30.50 -12.97
N THR B 357 -13.00 -29.62 -12.24
CA THR B 357 -13.58 -28.30 -11.90
C THR B 357 -13.89 -27.47 -13.17
N LYS B 358 -12.86 -27.20 -13.97
CA LYS B 358 -13.02 -26.59 -15.29
C LYS B 358 -14.29 -27.08 -16.00
N GLN B 359 -14.37 -28.40 -16.18
CA GLN B 359 -15.47 -29.04 -16.88
C GLN B 359 -16.86 -28.76 -16.31
N ARG B 360 -16.96 -28.64 -14.98
CA ARG B 360 -18.25 -28.32 -14.35
C ARG B 360 -18.65 -26.87 -14.53
N LEU B 361 -17.66 -25.99 -14.44
CA LEU B 361 -17.89 -24.56 -14.64
C LEU B 361 -18.39 -24.32 -16.06
N GLU B 362 -17.80 -25.04 -17.01
CA GLU B 362 -18.23 -25.02 -18.40
C GLU B 362 -19.68 -25.45 -18.44
N ALA B 363 -19.93 -26.62 -17.85
CA ALA B 363 -21.28 -27.19 -17.75
C ALA B 363 -22.28 -26.17 -17.20
N ALA B 364 -21.83 -25.37 -16.24
CA ALA B 364 -22.62 -24.32 -15.64
C ALA B 364 -22.56 -23.00 -16.45
N GLY B 365 -21.94 -23.03 -17.63
CA GLY B 365 -22.00 -21.93 -18.58
C GLY B 365 -21.04 -20.77 -18.42
N HIS B 366 -20.02 -20.93 -17.59
CA HIS B 366 -18.96 -19.91 -17.48
C HIS B 366 -18.04 -20.16 -18.68
N THR B 367 -17.33 -19.12 -19.13
CA THR B 367 -16.34 -19.25 -20.22
C THR B 367 -14.97 -19.57 -19.64
N LEU B 368 -14.34 -20.62 -20.13
CA LEU B 368 -13.08 -21.11 -19.60
C LEU B 368 -11.98 -20.80 -20.60
N ILE B 369 -11.02 -19.99 -20.20
CA ILE B 369 -10.04 -19.45 -21.15
C ILE B 369 -8.65 -19.81 -20.66
N PRO B 370 -7.83 -20.49 -21.50
CA PRO B 370 -6.44 -20.77 -21.08
C PRO B 370 -5.69 -19.48 -20.78
N PHE B 371 -4.88 -19.48 -19.73
CA PHE B 371 -4.21 -18.29 -19.25
C PHE B 371 -3.05 -18.70 -18.36
N LEU B 372 -1.87 -18.13 -18.58
CA LEU B 372 -0.68 -18.41 -17.77
C LEU B 372 0.05 -17.12 -17.62
N PRO B 373 0.19 -16.64 -16.38
CA PRO B 373 0.97 -15.43 -16.20
C PRO B 373 2.35 -15.61 -16.80
N ASN B 374 2.80 -14.59 -17.52
CA ASN B 374 4.10 -14.63 -18.15
C ASN B 374 5.22 -14.73 -17.10
N ASN B 375 6.36 -15.28 -17.52
CA ASN B 375 7.58 -15.28 -16.70
C ASN B 375 7.51 -15.76 -15.27
N ILE B 376 6.70 -16.79 -15.02
CA ILE B 376 6.64 -17.41 -13.69
C ILE B 376 8.06 -17.69 -13.13
N PRO B 377 8.94 -18.37 -13.89
CA PRO B 377 10.29 -18.70 -13.38
C PRO B 377 11.08 -17.48 -12.85
N TYR B 378 10.98 -16.36 -13.58
CA TYR B 378 11.56 -15.08 -13.16
C TYR B 378 10.81 -14.54 -11.95
N ALA B 379 9.49 -14.71 -11.95
CA ALA B 379 8.71 -14.21 -10.84
C ALA B 379 9.10 -14.90 -9.55
N LEU B 380 9.37 -16.21 -9.62
CA LEU B 380 9.68 -16.97 -8.41
C LEU B 380 11.14 -16.79 -8.04
N GLU B 381 12.02 -16.97 -9.04
CA GLU B 381 13.48 -17.06 -8.79
C GLU B 381 14.13 -15.72 -8.50
N VAL B 382 13.77 -14.70 -9.27
CA VAL B 382 14.38 -13.39 -9.07
C VAL B 382 13.52 -12.48 -8.16
N LEU B 383 12.23 -12.31 -8.47
CA LEU B 383 11.36 -11.36 -7.73
C LEU B 383 10.96 -11.82 -6.32
N SER B 384 10.36 -12.99 -6.21
CA SER B 384 9.83 -13.47 -4.95
C SER B 384 10.94 -13.87 -4.00
N THR B 385 11.96 -14.55 -4.51
CA THR B 385 13.06 -14.99 -3.66
C THR B 385 13.93 -13.81 -3.22
N GLY B 386 14.19 -12.90 -4.18
CA GLY B 386 14.95 -11.67 -3.93
C GLY B 386 14.24 -10.81 -2.92
N GLY B 387 12.92 -10.71 -3.05
CA GLY B 387 12.11 -9.94 -2.13
C GLY B 387 12.17 -10.47 -0.71
N LEU B 388 12.03 -11.79 -0.57
CA LEU B 388 12.05 -12.40 0.75
C LEU B 388 13.46 -12.45 1.39
N PHE B 389 14.51 -12.43 0.57
CA PHE B 389 15.88 -12.60 1.07
C PHE B 389 16.85 -11.53 0.55
N SER B 390 16.34 -10.32 0.35
CA SER B 390 17.15 -9.24 -0.19
C SER B 390 18.40 -9.05 0.64
N ASP B 391 18.31 -9.35 1.93
CA ASP B 391 19.43 -9.13 2.84
C ASP B 391 20.23 -10.40 3.10
N GLY B 392 20.17 -11.36 2.19
CA GLY B 392 20.88 -12.63 2.35
C GLY B 392 20.27 -13.58 3.38
N GLY B 393 19.14 -13.20 3.95
CA GLY B 393 18.56 -13.97 5.07
C GLY B 393 19.15 -13.63 6.43
N ARG B 394 19.86 -12.54 6.51
CA ARG B 394 20.62 -12.18 7.69
C ARG B 394 19.69 -11.75 8.85
N SER B 395 18.69 -10.94 8.57
CA SER B 395 17.71 -10.61 9.58
C SER B 395 17.01 -11.86 10.08
N PHE B 396 16.49 -12.65 9.13
CA PHE B 396 15.89 -13.95 9.45
C PHE B 396 16.77 -14.73 10.43
N LEU B 397 18.02 -14.99 10.02
CA LEU B 397 18.97 -15.81 10.77
C LEU B 397 19.17 -15.37 12.21
N GLN B 398 19.07 -14.09 12.49
CA GLN B 398 19.23 -13.59 13.85
C GLN B 398 18.38 -14.41 14.82
N ASN B 399 17.12 -14.64 14.45
CA ASN B 399 16.14 -15.38 15.28
C ASN B 399 16.57 -16.78 15.75
N PHE B 400 17.53 -17.38 15.03
CA PHE B 400 18.04 -18.70 15.35
C PHE B 400 19.30 -18.70 16.22
N LYS B 401 19.86 -17.54 16.54
CA LYS B 401 21.10 -17.54 17.35
C LYS B 401 20.89 -18.22 18.68
N GLY B 402 21.32 -19.48 18.78
CA GLY B 402 21.34 -20.22 20.05
C GLY B 402 20.35 -21.37 20.12
N ASP B 403 19.32 -21.32 19.28
CA ASP B 403 18.22 -22.29 19.28
C ASP B 403 18.64 -23.53 18.45
N PHE B 404 17.98 -24.66 18.67
CA PHE B 404 18.01 -25.75 17.70
C PHE B 404 17.31 -25.26 16.43
N VAL B 405 17.71 -25.81 15.28
CA VAL B 405 16.96 -25.62 14.03
C VAL B 405 16.13 -26.88 13.84
N ASP B 406 14.81 -26.73 13.82
CA ASP B 406 13.90 -27.87 13.63
C ASP B 406 14.25 -28.56 12.31
N PRO B 407 14.13 -29.90 12.26
CA PRO B 407 14.31 -30.68 11.04
C PRO B 407 13.44 -30.30 9.86
N CYS B 408 12.28 -29.72 10.09
CA CYS B 408 11.37 -29.46 8.97
C CYS B 408 11.70 -28.17 8.21
N LEU B 409 12.66 -27.40 8.71
CA LEU B 409 13.25 -26.29 7.93
C LEU B 409 14.22 -26.82 6.83
N GLY B 410 14.68 -28.07 6.99
CA GLY B 410 15.56 -28.71 6.04
C GLY B 410 16.94 -28.13 6.22
N ASP B 411 17.47 -27.55 5.14
CA ASP B 411 18.78 -26.89 5.19
C ASP B 411 18.69 -25.40 4.89
N LEU B 412 17.51 -24.83 5.02
CA LEU B 412 17.37 -23.41 4.79
C LEU B 412 18.42 -22.66 5.60
N ILE B 413 18.56 -23.01 6.88
CA ILE B 413 19.43 -22.26 7.75
C ILE B 413 20.90 -22.44 7.37
N LEU B 414 21.32 -23.67 7.20
CA LEU B 414 22.68 -23.97 6.76
C LEU B 414 23.02 -23.29 5.43
N ILE B 415 22.04 -23.18 4.54
CA ILE B 415 22.24 -22.56 3.25
C ILE B 415 22.47 -21.05 3.40
N LEU B 416 21.69 -20.40 4.26
CA LEU B 416 21.75 -18.94 4.44
C LEU B 416 22.97 -18.51 5.23
N ARG B 417 23.36 -19.31 6.21
CA ARG B 417 24.61 -19.09 6.93
C ARG B 417 25.84 -19.03 6.00
N LEU B 418 25.68 -19.50 4.76
CA LEU B 418 26.78 -19.45 3.78
C LEU B 418 27.14 -18.05 3.27
N PRO B 419 28.43 -17.73 3.25
CA PRO B 419 28.87 -16.39 2.79
C PRO B 419 28.63 -16.15 1.30
N SER B 420 28.07 -14.99 0.98
CA SER B 420 27.70 -14.57 -0.39
C SER B 420 28.58 -15.13 -1.53
N TRP B 421 29.90 -14.96 -1.41
CA TRP B 421 30.82 -15.40 -2.46
C TRP B 421 30.74 -16.92 -2.71
N PHE B 422 30.44 -17.70 -1.66
CA PHE B 422 30.27 -19.16 -1.79
C PHE B 422 28.86 -19.53 -2.30
N LYS B 423 27.87 -18.74 -1.92
CA LYS B 423 26.54 -18.87 -2.52
C LYS B 423 26.63 -18.65 -4.03
N ARG B 424 27.45 -17.70 -4.46
CA ARG B 424 27.62 -17.42 -5.88
C ARG B 424 28.46 -18.48 -6.58
N LEU B 425 29.55 -18.91 -5.93
CA LEU B 425 30.38 -19.98 -6.45
C LEU B 425 29.60 -21.30 -6.56
N LEU B 426 28.92 -21.68 -5.48
CA LEU B 426 28.11 -22.90 -5.46
C LEU B 426 27.00 -22.82 -6.54
N SER B 427 26.39 -21.66 -6.68
CA SER B 427 25.36 -21.42 -7.70
C SER B 427 25.90 -21.66 -9.10
N LEU B 428 27.14 -21.24 -9.36
CA LEU B 428 27.80 -21.47 -10.66
C LEU B 428 28.00 -22.96 -10.94
N LEU B 429 28.56 -23.71 -10.00
CA LEU B 429 28.63 -25.16 -10.14
C LEU B 429 27.26 -25.76 -10.49
N LEU B 430 26.24 -25.44 -9.71
CA LEU B 430 24.91 -26.03 -9.91
C LEU B 430 24.28 -25.72 -11.28
N LYS B 431 24.49 -24.50 -11.78
CA LYS B 431 23.69 -23.95 -12.91
C LYS B 431 23.47 -24.85 -14.14
N PRO B 432 24.53 -25.54 -14.60
CA PRO B 432 24.43 -26.34 -15.83
C PRO B 432 23.49 -27.52 -15.75
N LEU B 433 23.58 -28.32 -14.67
CA LEU B 433 22.67 -29.47 -14.48
C LEU B 433 21.39 -29.14 -13.71
N PHE B 434 21.42 -28.14 -12.83
CA PHE B 434 20.28 -27.86 -11.95
C PHE B 434 20.03 -26.35 -11.84
N PRO B 435 19.44 -25.74 -12.88
CA PRO B 435 19.33 -24.28 -12.92
C PRO B 435 18.44 -23.67 -11.84
N ARG B 436 17.29 -24.29 -11.57
CA ARG B 436 16.39 -23.88 -10.49
C ARG B 436 17.14 -23.64 -9.19
N LEU B 437 17.94 -24.62 -8.80
CA LEU B 437 18.73 -24.55 -7.59
C LEU B 437 19.68 -23.34 -7.68
N ALA B 438 20.56 -23.36 -8.68
CA ALA B 438 21.44 -22.22 -8.94
C ALA B 438 20.67 -20.91 -8.91
N ALA B 439 19.50 -20.90 -9.52
CA ALA B 439 18.71 -19.67 -9.65
C ALA B 439 18.25 -19.10 -8.30
N PHE B 440 17.70 -19.95 -7.44
CA PHE B 440 17.28 -19.56 -6.07
C PHE B 440 18.47 -19.10 -5.23
N LEU B 441 19.51 -19.93 -5.20
CA LEU B 441 20.69 -19.69 -4.40
C LEU B 441 21.30 -18.35 -4.74
N ASN B 442 21.47 -18.08 -6.03
CA ASN B 442 22.07 -16.82 -6.44
C ASN B 442 21.21 -15.62 -6.01
N ASN B 443 19.89 -15.81 -5.93
CA ASN B 443 18.99 -14.74 -5.54
C ASN B 443 18.74 -14.60 -4.04
N MET B 444 19.42 -15.40 -3.22
CA MET B 444 19.32 -15.27 -1.76
C MET B 444 20.59 -14.60 -1.20
N ARG B 445 21.13 -13.67 -1.97
CA ARG B 445 22.35 -12.99 -1.59
C ARG B 445 22.06 -11.57 -1.18
N PRO B 446 22.83 -11.04 -0.22
CA PRO B 446 22.54 -9.71 0.31
C PRO B 446 22.85 -8.67 -0.74
N ARG B 447 22.01 -7.62 -0.86
CA ARG B 447 22.17 -6.54 -1.84
C ARG B 447 22.22 -5.16 -1.18
N SER B 448 22.47 -4.15 -2.01
CA SER B 448 22.34 -2.77 -1.62
C SER B 448 20.88 -2.31 -1.65
N ALA B 449 20.65 -1.14 -1.06
CA ALA B 449 19.37 -0.43 -1.14
C ALA B 449 19.05 -0.07 -2.58
N GLU B 450 20.07 0.35 -3.33
CA GLU B 450 19.94 0.62 -4.77
C GLU B 450 19.38 -0.57 -5.50
N LYS B 451 19.92 -1.74 -5.20
CA LYS B 451 19.49 -2.99 -5.82
C LYS B 451 18.09 -3.38 -5.38
N LEU B 452 17.76 -3.15 -4.11
CA LEU B 452 16.38 -3.40 -3.65
C LEU B 452 15.37 -2.49 -4.37
N TRP B 453 15.72 -1.22 -4.63
CA TRP B 453 14.84 -0.33 -5.38
C TRP B 453 14.56 -0.92 -6.76
N LYS B 454 15.61 -1.42 -7.40
CA LYS B 454 15.47 -2.02 -8.70
C LYS B 454 14.53 -3.20 -8.65
N LEU B 455 14.70 -4.04 -7.63
CA LEU B 455 13.89 -5.25 -7.50
C LEU B 455 12.47 -4.87 -7.20
N GLN B 456 12.31 -3.83 -6.39
CA GLN B 456 10.99 -3.34 -6.02
C GLN B 456 10.24 -2.83 -7.24
N HIS B 457 10.98 -2.15 -8.12
CA HIS B 457 10.40 -1.58 -9.32
C HIS B 457 9.98 -2.65 -10.31
N GLU B 458 10.78 -3.70 -10.36
CA GLU B 458 10.51 -4.86 -11.20
C GLU B 458 9.26 -5.60 -10.76
N ILE B 459 9.08 -5.77 -9.45
CA ILE B 459 7.87 -6.38 -8.91
C ILE B 459 6.64 -5.58 -9.34
N GLU B 460 6.78 -4.26 -9.38
CA GLU B 460 5.68 -3.38 -9.71
C GLU B 460 5.32 -3.51 -11.17
N MET B 461 6.35 -3.45 -12.00
CA MET B 461 6.18 -3.69 -13.44
C MET B 461 5.60 -5.05 -13.73
N TYR B 462 6.07 -6.07 -13.00
CA TYR B 462 5.62 -7.45 -13.24
C TYR B 462 4.12 -7.60 -12.92
N ARG B 463 3.71 -6.99 -11.80
CA ARG B 463 2.32 -6.96 -11.39
C ARG B 463 1.44 -6.31 -12.46
N GLN B 464 1.91 -5.23 -13.06
CA GLN B 464 1.15 -4.57 -14.10
C GLN B 464 1.14 -5.40 -15.43
N SER B 465 2.24 -6.08 -15.73
CA SER B 465 2.31 -6.94 -16.92
C SER B 465 1.25 -8.03 -16.90
N VAL B 466 1.00 -8.62 -15.72
CA VAL B 466 -0.04 -9.66 -15.57
C VAL B 466 -1.46 -9.05 -15.57
N ILE B 467 -1.61 -7.87 -14.97
CA ILE B 467 -2.90 -7.19 -15.02
C ILE B 467 -3.23 -6.94 -16.48
N ALA B 468 -2.21 -6.62 -17.27
CA ALA B 468 -2.37 -6.36 -18.69
C ALA B 468 -2.72 -7.64 -19.45
N GLN B 469 -2.09 -8.76 -19.11
CA GLN B 469 -2.42 -10.06 -19.72
C GLN B 469 -3.89 -10.35 -19.47
N TRP B 470 -4.26 -10.22 -18.20
CA TRP B 470 -5.60 -10.48 -17.66
C TRP B 470 -6.68 -9.73 -18.42
N LYS B 471 -6.46 -8.43 -18.60
CA LYS B 471 -7.41 -7.56 -19.27
C LYS B 471 -7.45 -7.79 -20.78
N ALA B 472 -6.33 -8.22 -21.36
CA ALA B 472 -6.27 -8.58 -22.80
C ALA B 472 -7.15 -9.77 -23.12
N MET B 473 -7.27 -10.70 -22.18
CA MET B 473 -8.21 -11.81 -22.33
C MET B 473 -9.51 -11.53 -21.57
N ASN B 474 -9.69 -10.31 -21.11
CA ASN B 474 -10.90 -9.91 -20.42
C ASN B 474 -11.42 -10.90 -19.38
N LEU B 475 -10.51 -11.43 -18.56
CA LEU B 475 -10.88 -12.33 -17.47
C LEU B 475 -11.56 -11.58 -16.31
N ASP B 476 -12.40 -12.31 -15.56
CA ASP B 476 -12.93 -11.92 -14.25
C ASP B 476 -12.07 -12.52 -13.14
N VAL B 477 -11.79 -13.81 -13.32
CA VAL B 477 -11.23 -14.64 -12.26
C VAL B 477 -10.30 -15.69 -12.90
N LEU B 478 -9.42 -16.28 -12.09
CA LEU B 478 -8.43 -17.24 -12.58
C LEU B 478 -8.43 -18.51 -11.76
N LEU B 479 -8.58 -19.67 -12.43
CA LEU B 479 -8.56 -20.99 -11.78
C LEU B 479 -7.21 -21.63 -11.98
N THR B 480 -6.54 -22.01 -10.89
CA THR B 480 -5.26 -22.68 -11.00
C THR B 480 -5.26 -23.91 -10.13
N PRO B 481 -4.24 -24.77 -10.31
CA PRO B 481 -4.04 -25.85 -9.37
C PRO B 481 -3.54 -25.34 -8.02
N MET B 482 -3.60 -26.22 -7.03
CA MET B 482 -3.07 -25.97 -5.70
C MET B 482 -2.27 -27.20 -5.30
N LEU B 483 -1.13 -27.01 -4.64
CA LEU B 483 -0.32 -28.14 -4.22
C LEU B 483 -1.11 -29.14 -3.37
N GLY B 484 -0.84 -30.41 -3.63
CA GLY B 484 -1.55 -31.50 -2.99
C GLY B 484 -1.34 -32.80 -3.75
N PRO B 485 -1.63 -33.93 -3.08
CA PRO B 485 -2.11 -34.01 -1.71
C PRO B 485 -0.97 -33.71 -0.74
N ALA B 486 -1.23 -33.77 0.58
CA ALA B 486 -0.24 -33.42 1.61
C ALA B 486 1.07 -34.21 1.47
N LEU B 487 2.19 -33.53 1.70
CA LEU B 487 3.51 -34.16 1.68
C LEU B 487 3.70 -34.88 3.03
N ASP B 488 4.58 -35.88 3.05
CA ASP B 488 4.88 -36.60 4.30
C ASP B 488 5.51 -35.64 5.29
N LEU B 489 5.42 -35.96 6.57
CA LEU B 489 6.12 -35.20 7.60
C LEU B 489 7.60 -35.02 7.19
N ASN B 490 8.14 -33.86 7.55
CA ASN B 490 9.52 -33.44 7.24
C ASN B 490 9.98 -33.41 5.75
N THR B 491 9.07 -33.49 4.79
CA THR B 491 9.46 -33.34 3.37
C THR B 491 9.22 -31.95 2.72
N PRO B 492 8.23 -31.15 3.19
CA PRO B 492 8.05 -29.83 2.59
C PRO B 492 9.31 -28.96 2.61
N GLY B 493 10.05 -29.00 3.72
CA GLY B 493 11.26 -28.19 3.88
C GLY B 493 12.40 -28.55 2.95
N ARG B 494 12.14 -29.56 2.09
CA ARG B 494 13.11 -30.05 1.10
C ARG B 494 12.52 -30.05 -0.30
N ALA B 495 11.31 -29.51 -0.42
CA ALA B 495 10.60 -29.41 -1.67
C ALA B 495 10.17 -27.95 -1.85
N THR B 496 11.14 -27.04 -1.95
CA THR B 496 10.85 -25.60 -2.02
C THR B 496 10.22 -25.18 -3.36
N GLY B 497 10.58 -25.91 -4.42
CA GLY B 497 10.02 -25.70 -5.76
C GLY B 497 8.49 -25.72 -5.80
N ALA B 498 7.89 -26.56 -4.97
CA ALA B 498 6.42 -26.70 -4.88
C ALA B 498 5.71 -25.42 -4.48
N VAL B 499 6.47 -24.44 -4.04
CA VAL B 499 5.91 -23.17 -3.64
C VAL B 499 5.32 -22.38 -4.85
N SER B 500 5.68 -22.77 -6.06
CA SER B 500 5.30 -22.00 -7.24
C SER B 500 3.79 -21.72 -7.38
N TYR B 501 2.93 -22.68 -7.11
CA TYR B 501 1.49 -22.47 -7.34
C TYR B 501 0.92 -21.33 -6.47
N THR B 502 1.38 -21.24 -5.24
CA THR B 502 0.86 -20.26 -4.30
C THR B 502 1.64 -18.97 -4.36
N MET B 503 2.95 -19.05 -4.22
CA MET B 503 3.76 -17.83 -4.10
C MET B 503 3.65 -16.86 -5.29
N LEU B 504 3.40 -17.39 -6.48
CA LEU B 504 3.21 -16.51 -7.62
C LEU B 504 2.33 -15.32 -7.22
N TYR B 505 1.25 -15.60 -6.46
CA TYR B 505 0.23 -14.59 -6.13
C TYR B 505 0.51 -13.82 -4.86
N ASN B 506 1.53 -14.18 -4.10
CA ASN B 506 2.03 -13.26 -3.08
C ASN B 506 2.84 -12.19 -3.78
N CYS B 507 3.77 -12.62 -4.60
CA CYS B 507 4.50 -11.74 -5.51
C CYS B 507 3.62 -10.69 -6.20
N LEU B 508 2.52 -11.13 -6.79
CA LEU B 508 1.61 -10.28 -7.53
C LEU B 508 0.62 -9.59 -6.60
N ASP B 509 0.52 -10.08 -5.36
CA ASP B 509 -0.42 -9.50 -4.41
C ASP B 509 -1.88 -9.49 -4.97
N PHE B 510 -2.31 -10.59 -5.56
CA PHE B 510 -3.70 -10.78 -5.93
C PHE B 510 -4.37 -11.59 -4.84
N PRO B 511 -5.66 -11.35 -4.57
CA PRO B 511 -6.34 -12.24 -3.64
C PRO B 511 -6.39 -13.67 -4.16
N ALA B 512 -6.03 -14.64 -3.32
CA ALA B 512 -6.05 -16.05 -3.71
C ALA B 512 -6.64 -16.86 -2.59
N GLY B 513 -7.58 -17.71 -2.92
CA GLY B 513 -8.19 -18.63 -1.97
C GLY B 513 -8.25 -20.06 -2.50
N VAL B 514 -8.55 -20.98 -1.59
CA VAL B 514 -8.40 -22.38 -1.90
C VAL B 514 -9.63 -23.12 -1.42
N VAL B 515 -10.16 -24.02 -2.26
CA VAL B 515 -11.33 -24.83 -1.90
C VAL B 515 -11.16 -26.32 -2.19
N PRO B 516 -11.47 -27.18 -1.22
CA PRO B 516 -11.31 -28.64 -1.44
C PRO B 516 -12.31 -29.14 -2.46
N VAL B 517 -11.87 -29.90 -3.44
CA VAL B 517 -12.78 -30.31 -4.52
C VAL B 517 -12.88 -31.83 -4.72
N THR B 518 -11.90 -32.59 -4.24
CA THR B 518 -11.85 -34.01 -4.49
C THR B 518 -10.91 -34.68 -3.52
N THR B 519 -10.82 -36.00 -3.61
CA THR B 519 -9.86 -36.73 -2.78
C THR B 519 -9.07 -37.71 -3.65
N VAL B 520 -7.85 -37.99 -3.20
CA VAL B 520 -6.92 -38.78 -4.00
C VAL B 520 -7.46 -40.21 -4.10
N THR B 521 -7.61 -40.71 -5.33
CA THR B 521 -8.06 -42.07 -5.57
C THR B 521 -6.85 -42.97 -5.63
N ALA B 522 -7.05 -44.27 -5.61
CA ALA B 522 -5.92 -45.20 -5.75
C ALA B 522 -5.32 -45.12 -7.16
N GLU B 523 -6.15 -44.83 -8.15
CA GLU B 523 -5.66 -44.63 -9.50
C GLU B 523 -4.71 -43.45 -9.52
N ASP B 524 -5.18 -42.33 -8.98
CA ASP B 524 -4.36 -41.13 -8.79
C ASP B 524 -2.99 -41.46 -8.15
N ASP B 525 -3.01 -42.27 -7.09
CA ASP B 525 -1.84 -42.48 -6.23
C ASP B 525 -0.84 -43.39 -6.91
N ALA B 526 -1.34 -44.37 -7.63
CA ALA B 526 -0.46 -45.30 -8.30
C ALA B 526 0.32 -44.53 -9.37
N GLN B 527 -0.35 -43.56 -9.98
CA GLN B 527 0.21 -42.77 -11.07
C GLN B 527 1.39 -41.91 -10.65
N MET B 528 1.46 -41.55 -9.37
CA MET B 528 2.60 -40.81 -8.84
C MET B 528 3.90 -41.54 -9.16
N GLU B 529 3.78 -42.83 -9.40
CA GLU B 529 4.92 -43.65 -9.75
C GLU B 529 5.46 -43.32 -11.16
N LEU B 530 4.69 -42.55 -11.93
CA LEU B 530 5.13 -42.05 -13.25
C LEU B 530 5.50 -40.56 -13.25
N TYR B 531 5.29 -39.90 -12.11
CA TYR B 531 5.67 -38.50 -11.92
C TYR B 531 7.17 -38.37 -12.02
N LYS B 532 7.65 -37.41 -12.79
CA LYS B 532 9.09 -37.21 -12.97
C LYS B 532 9.60 -35.82 -12.56
N GLY B 533 8.74 -34.80 -12.54
CA GLY B 533 9.18 -33.40 -12.38
C GLY B 533 9.54 -32.78 -13.73
N TYR B 534 9.60 -31.45 -13.81
CA TYR B 534 10.08 -30.80 -15.02
C TYR B 534 11.61 -30.63 -14.97
N PHE B 535 12.20 -30.44 -13.80
CA PHE B 535 13.65 -30.23 -13.70
C PHE B 535 14.48 -31.45 -13.33
N GLY B 536 13.87 -32.44 -12.69
CA GLY B 536 14.62 -33.61 -12.25
C GLY B 536 15.59 -33.34 -11.12
N ASP B 537 15.64 -32.12 -10.61
CA ASP B 537 16.50 -31.76 -9.46
C ASP B 537 16.00 -32.39 -8.15
N ILE B 538 16.69 -32.13 -7.05
CA ILE B 538 16.39 -32.81 -5.79
C ILE B 538 15.03 -32.42 -5.22
N TRP B 539 14.54 -31.24 -5.59
CA TRP B 539 13.18 -30.85 -5.24
C TRP B 539 12.15 -31.73 -5.86
N ASP B 540 12.32 -32.04 -7.13
CA ASP B 540 11.39 -32.92 -7.83
C ASP B 540 11.42 -34.34 -7.25
N ILE B 541 12.60 -34.78 -6.80
CA ILE B 541 12.73 -36.14 -6.28
C ILE B 541 12.05 -36.23 -4.90
N ILE B 542 12.30 -35.25 -4.04
CA ILE B 542 11.66 -35.21 -2.73
C ILE B 542 10.15 -35.08 -2.89
N LEU B 543 9.70 -34.23 -3.81
CA LEU B 543 8.27 -34.02 -3.98
C LEU B 543 7.58 -35.31 -4.42
N LYS B 544 8.16 -35.98 -5.42
CA LYS B 544 7.59 -37.21 -5.94
C LYS B 544 7.23 -38.10 -4.77
N LYS B 545 8.27 -38.46 -4.02
CA LYS B 545 8.16 -39.40 -2.91
C LYS B 545 7.12 -38.89 -1.89
N ALA B 546 7.15 -37.59 -1.60
CA ALA B 546 6.38 -36.99 -0.52
C ALA B 546 4.86 -37.04 -0.74
N MET B 547 4.44 -36.94 -2.00
CA MET B 547 3.03 -36.97 -2.39
C MET B 547 2.47 -38.38 -2.50
N LYS B 548 3.34 -39.38 -2.40
CA LYS B 548 2.91 -40.77 -2.40
C LYS B 548 2.24 -41.22 -1.10
N ASN B 549 1.58 -42.38 -1.20
CA ASN B 549 0.77 -42.97 -0.15
C ASN B 549 -0.14 -41.91 0.43
N SER B 550 -1.10 -41.51 -0.41
CA SER B 550 -2.00 -40.44 -0.08
C SER B 550 -3.45 -40.74 -0.45
N VAL B 551 -3.80 -42.00 -0.67
CA VAL B 551 -5.20 -42.36 -0.95
C VAL B 551 -6.12 -41.78 0.13
N GLY B 552 -7.18 -41.10 -0.30
CA GLY B 552 -8.20 -40.60 0.62
C GLY B 552 -7.97 -39.19 1.13
N LEU B 553 -6.85 -38.59 0.76
CA LEU B 553 -6.57 -37.23 1.19
C LEU B 553 -7.15 -36.17 0.23
N PRO B 554 -7.56 -35.03 0.79
CA PRO B 554 -8.14 -33.95 0.01
C PRO B 554 -7.16 -33.27 -0.94
N VAL B 555 -7.74 -32.68 -1.97
CA VAL B 555 -6.99 -32.00 -3.01
C VAL B 555 -7.83 -30.83 -3.43
N ALA B 556 -7.19 -29.67 -3.47
CA ALA B 556 -7.88 -28.43 -3.71
C ALA B 556 -7.66 -27.92 -5.13
N VAL B 557 -8.23 -26.75 -5.36
CA VAL B 557 -8.13 -25.98 -6.57
C VAL B 557 -7.92 -24.56 -6.03
N GLN B 558 -7.27 -23.69 -6.80
CA GLN B 558 -7.04 -22.30 -6.34
C GLN B 558 -7.82 -21.32 -7.22
N CYS B 559 -8.40 -20.32 -6.54
CA CYS B 559 -9.13 -19.23 -7.19
C CYS B 559 -8.42 -17.92 -6.93
N VAL B 560 -8.29 -17.11 -7.98
CA VAL B 560 -7.59 -15.85 -7.93
C VAL B 560 -8.50 -14.79 -8.51
N ALA B 561 -8.28 -13.54 -8.07
CA ALA B 561 -8.96 -12.35 -8.59
C ALA B 561 -8.04 -11.15 -8.51
N LEU B 562 -8.39 -10.07 -9.19
CA LEU B 562 -7.53 -8.89 -9.20
C LEU B 562 -7.49 -8.24 -7.80
N PRO B 563 -6.42 -7.49 -7.49
CA PRO B 563 -6.31 -6.83 -6.19
C PRO B 563 -7.59 -6.12 -5.79
N TRP B 564 -7.96 -6.24 -4.52
CA TRP B 564 -9.17 -5.63 -3.96
C TRP B 564 -10.47 -6.34 -4.40
N GLN B 565 -10.32 -7.43 -5.15
CA GLN B 565 -11.47 -8.20 -5.59
C GLN B 565 -11.69 -9.46 -4.74
N GLU B 566 -11.59 -9.37 -3.42
CA GLU B 566 -11.75 -10.60 -2.62
C GLU B 566 -13.21 -11.11 -2.60
N GLU B 567 -14.18 -10.20 -2.68
CA GLU B 567 -15.58 -10.63 -2.77
C GLU B 567 -15.92 -11.35 -4.10
N LEU B 568 -15.27 -10.97 -5.19
CA LEU B 568 -15.47 -11.66 -6.50
C LEU B 568 -14.80 -13.03 -6.44
N CYS B 569 -13.65 -13.06 -5.79
CA CYS B 569 -12.85 -14.26 -5.61
C CYS B 569 -13.63 -15.25 -4.76
N LEU B 570 -14.16 -14.77 -3.65
CA LEU B 570 -15.11 -15.54 -2.83
C LEU B 570 -16.36 -15.98 -3.60
N ARG B 571 -16.86 -15.13 -4.49
CA ARG B 571 -18.00 -15.50 -5.34
C ARG B 571 -17.61 -16.67 -6.24
N PHE B 572 -16.37 -16.66 -6.71
CA PHE B 572 -15.87 -17.74 -7.56
C PHE B 572 -15.65 -18.99 -6.71
N MET B 573 -15.05 -18.82 -5.52
CA MET B 573 -14.86 -19.96 -4.61
C MET B 573 -16.21 -20.64 -4.29
N ARG B 574 -17.25 -19.84 -4.03
CA ARG B 574 -18.56 -20.39 -3.76
C ARG B 574 -19.06 -21.28 -4.89
N GLU B 575 -18.88 -20.80 -6.11
CA GLU B 575 -19.37 -21.50 -7.28
C GLU B 575 -18.67 -22.84 -7.43
N VAL B 576 -17.35 -22.83 -7.17
CA VAL B 576 -16.55 -24.06 -7.27
C VAL B 576 -16.91 -25.04 -6.17
N GLU B 577 -17.20 -24.54 -4.97
CA GLU B 577 -17.70 -25.40 -3.90
C GLU B 577 -19.02 -25.99 -4.32
N GLN B 578 -19.92 -25.15 -4.82
CA GLN B 578 -21.29 -25.60 -5.09
C GLN B 578 -21.26 -26.73 -6.11
N LEU B 579 -20.51 -26.54 -7.20
CA LEU B 579 -20.44 -27.51 -8.29
C LEU B 579 -19.69 -28.81 -7.95
N MET B 580 -18.56 -28.72 -7.27
CA MET B 580 -17.72 -29.88 -7.02
C MET B 580 -18.07 -30.64 -5.75
N THR B 581 -18.45 -29.94 -4.69
CA THR B 581 -18.80 -30.57 -3.39
C THR B 581 -20.12 -29.95 -2.91
N PRO B 582 -21.24 -30.42 -3.44
CA PRO B 582 -22.50 -29.94 -2.88
C PRO B 582 -22.94 -30.79 -1.66
UNK UNX C . 8.93 16.74 -6.38
UNK UNX D . 6.33 14.63 -6.37
O19 PF7 E . 7.40 16.87 -3.50
C18 PF7 E . 8.14 17.79 -3.93
N15 PF7 E . 9.45 17.79 -3.68
C16 PF7 E . 10.13 16.74 -2.90
C17 PF7 E . 10.78 17.49 -1.72
C12 PF7 E . 11.73 18.60 -2.19
C13 PF7 E . 10.93 19.58 -3.03
C14 PF7 E . 10.28 18.88 -4.21
C11 PF7 E . 12.34 19.33 -0.98
C9 PF7 E . 13.61 18.65 -0.54
C10 PF7 E . 13.59 17.69 0.46
C3 PF7 E . 14.79 17.07 0.85
C4 PF7 E . 14.78 16.11 1.85
C5 PF7 E . 15.97 15.50 2.24
C6 PF7 E . 17.19 15.85 1.62
C1 PF7 E . 17.20 16.83 0.63
C2 PF7 E . 16.00 17.44 0.25
N7 PF7 E . 16.01 18.42 -0.75
C8 PF7 E . 14.81 19.00 -1.14
UNK UNX F . 4.71 -18.38 6.74
UNK UNX G . 2.95 -15.96 6.80
CL CL H . -2.89 0.22 -0.17
O19 PF7 I . 3.60 -18.15 3.80
C18 PF7 I . 4.00 -19.21 4.29
N15 PF7 I . 5.25 -19.62 4.05
C16 PF7 I . 6.13 -18.80 3.23
C17 PF7 I . 6.87 -19.64 2.21
C12 PF7 I . 7.57 -20.79 2.89
C13 PF7 I . 6.47 -21.62 3.54
C14 PF7 I . 5.70 -20.88 4.63
C11 PF7 I . 8.29 -21.62 1.86
C9 PF7 I . 9.66 -21.18 1.37
C10 PF7 I . 9.78 -20.31 0.28
C3 PF7 I . 11.04 -19.96 -0.20
C4 PF7 I . 11.14 -19.08 -1.26
C5 PF7 I . 12.40 -18.73 -1.75
C6 PF7 I . 13.55 -19.23 -1.17
C1 PF7 I . 13.45 -20.12 -0.10
C2 PF7 I . 12.19 -20.48 0.39
N7 PF7 I . 12.09 -21.36 1.46
C8 PF7 I . 10.82 -21.70 1.94
#